data_3BCX
#
_entry.id   3BCX
#
_cell.length_a   97.313
_cell.length_b   97.313
_cell.length_c   142.347
_cell.angle_alpha   90.00
_cell.angle_beta   90.00
_cell.angle_gamma   120.00
#
_symmetry.space_group_name_H-M   'P 32'
#
loop_
_entity.id
_entity.type
_entity.pdbx_description
1 polymer CDP-6-deoxy-L-threo-D-glycero-4-hexulose-3-dehydrase
2 non-polymer 'FE (III) ION'
3 non-polymer BENZAMIDINE
4 water water
#
_entity_poly.entity_id   1
_entity_poly.type   'polypeptide(L)'
_entity_poly.pdbx_seq_one_letter_code
;MSQEELRQQIAELVAQYAETAMAPKPFEAGKSVVPPSGKVIGTKELQLMVEASLDGWLTTGRFNDAFEKKLGEYLGVPYV
LTTTSGSSANLLALTALTSPKLGVRALKPGDEVITVAAGFPTTVNPTIQNGLIPVFVDVDIPTYNVNASLIEAAVSDKTK
AIMIAHTLGNLFDLAEVRRVADKYNLWLIEDCCDALGSTYDGKMAGTFGDIGTVSFYPAHHITMGEGGAVFTQSAELKSI
IESFRDWGRDCYCAPGCDNTCKKRFGQQLGSLPFGYDHKYTYSHLGYNLKITDMQAACGLAQLERIEEFVEKRKANFKYL
KDALQSCADFIELPEATENSDPSWFGFPITLKEDSGVSRIDLVKFLDEAKVGTRLLFAGNLTRQPYFHDVKYRVVGELTN
TDRIMNQTFWIGIYPGLTHDHLDYVVSKFEEFFGLNF
;
_entity_poly.pdbx_strand_id   A,B
#
loop_
_chem_comp.id
_chem_comp.type
_chem_comp.name
_chem_comp.formula
BEN non-polymer BENZAMIDINE 'C7 H8 N2'
FE non-polymer 'FE (III) ION' 'Fe 3'
#
# COMPACT_ATOMS: atom_id res chain seq x y z
N SER A 2 -30.62 -10.90 -19.89
CA SER A 2 -30.12 -9.49 -19.99
C SER A 2 -29.16 -9.15 -18.86
N GLN A 3 -28.15 -8.33 -19.17
CA GLN A 3 -27.14 -7.93 -18.19
C GLN A 3 -27.66 -6.97 -17.12
N GLU A 4 -28.17 -5.82 -17.54
CA GLU A 4 -28.69 -4.84 -16.59
C GLU A 4 -29.77 -5.48 -15.72
N GLU A 5 -30.36 -6.55 -16.22
CA GLU A 5 -31.41 -7.26 -15.51
C GLU A 5 -30.80 -8.19 -14.46
N LEU A 6 -29.78 -8.95 -14.87
CA LEU A 6 -29.12 -9.86 -13.96
C LEU A 6 -28.55 -9.12 -12.74
N ARG A 7 -28.08 -7.90 -12.97
CA ARG A 7 -27.53 -7.09 -11.89
C ARG A 7 -28.59 -6.75 -10.84
N GLN A 8 -29.63 -6.03 -11.27
CA GLN A 8 -30.71 -5.63 -10.36
C GLN A 8 -31.27 -6.79 -9.55
N GLN A 9 -31.25 -7.98 -10.16
CA GLN A 9 -31.76 -9.18 -9.51
C GLN A 9 -30.74 -9.81 -8.57
N ILE A 10 -29.47 -9.47 -8.76
CA ILE A 10 -28.40 -9.97 -7.89
C ILE A 10 -28.42 -9.03 -6.69
N ALA A 11 -28.72 -7.77 -6.95
CA ALA A 11 -28.79 -6.76 -5.91
C ALA A 11 -29.87 -7.16 -4.90
N GLU A 12 -30.93 -7.77 -5.39
CA GLU A 12 -32.04 -8.21 -4.56
C GLU A 12 -31.62 -9.31 -3.61
N LEU A 13 -31.05 -10.38 -4.16
CA LEU A 13 -30.60 -11.50 -3.34
C LEU A 13 -29.53 -11.06 -2.33
N VAL A 14 -28.85 -9.96 -2.63
CA VAL A 14 -27.82 -9.44 -1.75
C VAL A 14 -28.48 -8.58 -0.69
N ALA A 15 -29.43 -7.76 -1.10
CA ALA A 15 -30.14 -6.88 -0.18
C ALA A 15 -30.92 -7.70 0.85
N GLN A 16 -31.19 -8.97 0.54
CA GLN A 16 -31.93 -9.84 1.43
C GLN A 16 -31.00 -10.69 2.27
N TYR A 17 -29.77 -10.84 1.81
CA TYR A 17 -28.77 -11.61 2.54
C TYR A 17 -28.27 -10.71 3.67
N ALA A 18 -28.04 -9.44 3.34
CA ALA A 18 -27.56 -8.45 4.29
C ALA A 18 -28.56 -8.16 5.41
N GLU A 19 -29.80 -8.61 5.22
CA GLU A 19 -30.86 -8.40 6.21
C GLU A 19 -30.65 -9.37 7.35
N THR A 20 -30.24 -10.59 7.01
CA THR A 20 -29.99 -11.59 8.03
C THR A 20 -28.60 -11.38 8.61
N ALA A 21 -27.62 -11.32 7.74
CA ALA A 21 -26.23 -11.13 8.14
C ALA A 21 -25.95 -9.88 8.96
N MET A 22 -26.11 -8.70 8.34
CA MET A 22 -25.84 -7.43 9.02
C MET A 22 -26.93 -6.91 9.96
N ALA A 23 -27.69 -7.80 10.58
CA ALA A 23 -28.73 -7.36 11.50
C ALA A 23 -28.16 -7.30 12.92
N PRO A 24 -28.19 -6.13 13.56
CA PRO A 24 -27.66 -5.98 14.91
C PRO A 24 -28.43 -6.82 15.93
N LYS A 25 -27.70 -7.47 16.82
CA LYS A 25 -28.29 -8.31 17.86
C LYS A 25 -28.57 -7.48 19.11
N PRO A 26 -29.71 -7.73 19.76
CA PRO A 26 -30.07 -7.00 20.98
C PRO A 26 -29.03 -7.23 22.06
N PHE A 27 -28.74 -6.18 22.83
CA PHE A 27 -27.75 -6.27 23.89
C PHE A 27 -28.17 -7.25 24.99
N GLU A 28 -27.21 -8.05 25.44
CA GLU A 28 -27.45 -9.03 26.50
C GLU A 28 -26.32 -9.00 27.52
N ALA A 29 -26.51 -8.21 28.58
CA ALA A 29 -25.51 -8.06 29.63
C ALA A 29 -24.86 -9.38 30.01
N GLY A 30 -23.54 -9.35 30.15
CA GLY A 30 -22.81 -10.56 30.53
C GLY A 30 -22.35 -11.40 29.36
N LYS A 31 -23.16 -11.44 28.30
CA LYS A 31 -22.79 -12.23 27.13
C LYS A 31 -22.32 -11.36 25.98
N SER A 32 -23.02 -10.25 25.74
CA SER A 32 -22.65 -9.33 24.66
C SER A 32 -21.40 -8.54 25.03
N VAL A 33 -20.56 -8.27 24.04
CA VAL A 33 -19.33 -7.54 24.27
C VAL A 33 -19.49 -6.06 23.88
N VAL A 34 -18.65 -5.21 24.45
CA VAL A 34 -18.67 -3.80 24.14
C VAL A 34 -17.27 -3.47 23.63
N PRO A 35 -17.00 -3.77 22.35
CA PRO A 35 -15.67 -3.48 21.81
C PRO A 35 -15.36 -1.99 21.84
N PRO A 36 -14.07 -1.62 21.76
CA PRO A 36 -13.66 -0.22 21.79
C PRO A 36 -13.90 0.50 20.47
N SER A 37 -14.07 -0.27 19.40
CA SER A 37 -14.31 0.30 18.07
C SER A 37 -14.81 -0.81 17.17
N GLY A 38 -15.29 -0.43 15.99
CA GLY A 38 -15.81 -1.42 15.06
C GLY A 38 -16.47 -0.82 13.83
N LYS A 39 -16.78 -1.69 12.88
CA LYS A 39 -17.40 -1.25 11.65
C LYS A 39 -18.90 -1.49 11.70
N VAL A 40 -19.64 -0.65 10.99
CA VAL A 40 -21.08 -0.78 10.90
C VAL A 40 -21.42 -0.71 9.41
N ILE A 41 -21.58 -1.89 8.80
CA ILE A 41 -21.90 -1.97 7.38
C ILE A 41 -23.25 -2.66 7.18
N GLY A 42 -23.82 -2.50 5.99
CA GLY A 42 -25.11 -3.10 5.72
C GLY A 42 -25.32 -3.52 4.29
N THR A 43 -26.56 -3.37 3.82
CA THR A 43 -26.92 -3.74 2.46
C THR A 43 -26.17 -2.94 1.40
N LYS A 44 -26.17 -1.61 1.53
CA LYS A 44 -25.49 -0.76 0.56
C LYS A 44 -24.03 -1.17 0.33
N GLU A 45 -23.26 -1.34 1.41
CA GLU A 45 -21.86 -1.72 1.30
C GLU A 45 -21.71 -2.99 0.47
N LEU A 46 -22.41 -4.05 0.86
CA LEU A 46 -22.32 -5.31 0.14
C LEU A 46 -22.84 -5.20 -1.29
N GLN A 47 -23.81 -4.33 -1.52
CA GLN A 47 -24.36 -4.18 -2.87
C GLN A 47 -23.37 -3.54 -3.82
N LEU A 48 -22.77 -2.41 -3.42
CA LEU A 48 -21.79 -1.74 -4.28
C LEU A 48 -20.56 -2.62 -4.53
N MET A 49 -20.10 -3.31 -3.49
CA MET A 49 -18.93 -4.19 -3.67
C MET A 49 -19.21 -5.26 -4.70
N VAL A 50 -20.45 -5.77 -4.73
CA VAL A 50 -20.81 -6.78 -5.71
C VAL A 50 -20.80 -6.13 -7.09
N GLU A 51 -21.32 -4.91 -7.17
CA GLU A 51 -21.33 -4.19 -8.42
C GLU A 51 -19.92 -4.04 -8.96
N ALA A 52 -19.04 -3.53 -8.12
CA ALA A 52 -17.63 -3.35 -8.49
C ALA A 52 -17.03 -4.68 -8.94
N SER A 53 -17.40 -5.77 -8.26
CA SER A 53 -16.89 -7.09 -8.61
C SER A 53 -17.35 -7.48 -10.01
N LEU A 54 -18.63 -7.21 -10.29
CA LEU A 54 -19.19 -7.55 -11.58
C LEU A 54 -18.55 -6.72 -12.69
N ASP A 55 -18.28 -5.45 -12.40
CA ASP A 55 -17.63 -4.57 -13.38
C ASP A 55 -16.41 -5.26 -14.00
N GLY A 56 -15.66 -5.97 -13.17
CA GLY A 56 -14.48 -6.66 -13.67
C GLY A 56 -13.34 -5.73 -14.03
N TRP A 57 -13.41 -4.49 -13.56
CA TRP A 57 -12.37 -3.49 -13.83
C TRP A 57 -11.21 -3.67 -12.85
N LEU A 58 -11.54 -3.95 -11.58
CA LEU A 58 -10.56 -4.20 -10.52
C LEU A 58 -9.74 -3.00 -10.03
N THR A 59 -8.98 -2.36 -10.93
CA THR A 59 -8.21 -1.19 -10.52
C THR A 59 -9.24 -0.08 -10.24
N THR A 60 -8.80 1.06 -9.73
CA THR A 60 -9.72 2.14 -9.43
C THR A 60 -10.43 2.68 -10.67
N GLY A 61 -11.64 3.18 -10.45
CA GLY A 61 -12.40 3.74 -11.56
C GLY A 61 -13.70 4.36 -11.12
N ARG A 62 -14.77 3.85 -11.72
CA ARG A 62 -16.13 4.27 -11.48
C ARG A 62 -16.44 4.58 -9.99
N PHE A 63 -16.27 3.59 -9.11
CA PHE A 63 -16.56 3.83 -7.70
C PHE A 63 -15.51 4.73 -7.03
N ASN A 64 -14.23 4.56 -7.39
CA ASN A 64 -13.21 5.39 -6.80
C ASN A 64 -13.42 6.84 -7.18
N ASP A 65 -13.83 7.11 -8.42
CA ASP A 65 -14.09 8.48 -8.85
C ASP A 65 -15.20 9.07 -7.98
N ALA A 66 -16.29 8.31 -7.85
CA ALA A 66 -17.43 8.73 -7.06
C ALA A 66 -17.02 9.04 -5.62
N PHE A 67 -16.25 8.13 -5.03
CA PHE A 67 -15.78 8.29 -3.66
C PHE A 67 -14.92 9.54 -3.46
N GLU A 68 -13.85 9.68 -4.23
CA GLU A 68 -12.98 10.85 -4.08
C GLU A 68 -13.80 12.13 -4.21
N LYS A 69 -14.77 12.13 -5.11
CA LYS A 69 -15.62 13.29 -5.32
C LYS A 69 -16.54 13.57 -4.14
N LYS A 70 -17.22 12.54 -3.65
CA LYS A 70 -18.12 12.74 -2.52
C LYS A 70 -17.39 13.09 -1.22
N LEU A 71 -16.21 12.51 -1.01
CA LEU A 71 -15.45 12.82 0.19
C LEU A 71 -14.93 14.25 0.08
N GLY A 72 -14.59 14.66 -1.14
CA GLY A 72 -14.11 16.01 -1.34
C GLY A 72 -15.21 17.00 -1.00
N GLU A 73 -16.45 16.64 -1.33
CA GLU A 73 -17.59 17.49 -1.05
C GLU A 73 -17.88 17.49 0.45
N TYR A 74 -17.69 16.34 1.11
CA TYR A 74 -17.92 16.26 2.55
C TYR A 74 -16.87 17.08 3.31
N LEU A 75 -15.60 16.89 2.99
CA LEU A 75 -14.53 17.62 3.64
C LEU A 75 -14.52 19.07 3.19
N GLY A 76 -14.94 19.28 1.94
CA GLY A 76 -14.95 20.62 1.39
C GLY A 76 -13.60 20.96 0.78
N VAL A 77 -12.97 19.99 0.13
CA VAL A 77 -11.67 20.19 -0.53
C VAL A 77 -11.77 19.72 -1.99
N PRO A 78 -11.01 20.36 -2.89
CA PRO A 78 -11.04 19.97 -4.30
C PRO A 78 -10.24 18.74 -4.68
N TYR A 79 -9.23 18.38 -3.89
CA TYR A 79 -8.41 17.22 -4.25
C TYR A 79 -8.31 16.11 -3.20
N VAL A 80 -8.81 14.93 -3.59
CA VAL A 80 -8.78 13.75 -2.74
C VAL A 80 -8.22 12.58 -3.54
N LEU A 81 -7.18 11.97 -2.98
CA LEU A 81 -6.53 10.82 -3.60
C LEU A 81 -6.60 9.62 -2.66
N THR A 82 -7.15 8.50 -3.15
CA THR A 82 -7.22 7.31 -2.31
C THR A 82 -5.89 6.58 -2.34
N THR A 83 -5.57 5.90 -1.24
CA THR A 83 -4.33 5.14 -1.12
C THR A 83 -4.64 3.89 -0.26
N THR A 84 -3.65 3.02 -0.05
CA THR A 84 -3.89 1.76 0.68
C THR A 84 -4.23 1.78 2.16
N SER A 85 -3.93 2.88 2.85
CA SER A 85 -4.23 2.92 4.28
C SER A 85 -3.96 4.30 4.84
N GLY A 86 -4.31 4.49 6.11
CA GLY A 86 -4.06 5.77 6.74
C GLY A 86 -2.57 6.02 6.76
N SER A 87 -1.80 4.96 7.04
CA SER A 87 -0.36 5.04 7.10
C SER A 87 0.23 5.41 5.76
N SER A 88 -0.29 4.79 4.70
CA SER A 88 0.20 5.12 3.37
C SER A 88 -0.14 6.57 3.07
N ALA A 89 -1.28 7.04 3.58
CA ALA A 89 -1.67 8.43 3.38
C ALA A 89 -0.63 9.35 4.01
N ASN A 90 -0.30 9.09 5.28
CA ASN A 90 0.70 9.89 5.98
C ASN A 90 2.06 9.83 5.26
N LEU A 91 2.44 8.65 4.79
CA LEU A 91 3.71 8.49 4.08
C LEU A 91 3.73 9.34 2.81
N LEU A 92 2.64 9.33 2.05
CA LEU A 92 2.55 10.11 0.82
C LEU A 92 2.50 11.62 1.09
N ALA A 93 1.87 12.01 2.19
CA ALA A 93 1.75 13.42 2.56
C ALA A 93 3.12 14.07 2.82
N LEU A 94 3.88 13.48 3.73
CA LEU A 94 5.19 14.02 4.09
C LEU A 94 6.19 13.86 2.96
N THR A 95 6.16 12.72 2.28
CA THR A 95 7.09 12.47 1.18
C THR A 95 6.92 13.42 0.02
N ALA A 96 5.68 13.79 -0.28
CA ALA A 96 5.41 14.71 -1.38
C ALA A 96 6.11 16.06 -1.14
N LEU A 97 6.25 16.44 0.11
CA LEU A 97 6.89 17.70 0.44
C LEU A 97 8.41 17.66 0.26
N THR A 98 8.94 16.51 -0.16
CA THR A 98 10.38 16.38 -0.40
C THR A 98 10.65 16.59 -1.89
N SER A 99 9.58 16.76 -2.66
CA SER A 99 9.68 16.97 -4.10
C SER A 99 10.53 18.17 -4.49
N PRO A 100 11.53 17.96 -5.36
CA PRO A 100 12.38 19.07 -5.79
C PRO A 100 11.60 20.16 -6.51
N LYS A 101 10.37 19.85 -6.93
CA LYS A 101 9.54 20.85 -7.62
C LYS A 101 9.12 21.95 -6.63
N LEU A 102 9.25 21.68 -5.33
CA LEU A 102 8.90 22.66 -4.31
C LEU A 102 10.10 23.57 -4.02
N GLY A 103 11.15 23.43 -4.81
CA GLY A 103 12.32 24.27 -4.63
C GLY A 103 12.89 24.40 -3.23
N VAL A 104 13.12 25.63 -2.81
CA VAL A 104 13.74 25.90 -1.51
C VAL A 104 12.98 25.40 -0.28
N ARG A 105 11.68 25.16 -0.37
CA ARG A 105 11.01 24.66 0.82
C ARG A 105 10.67 23.18 0.77
N ALA A 106 11.40 22.44 -0.07
CA ALA A 106 11.21 21.01 -0.14
C ALA A 106 11.89 20.45 1.10
N LEU A 107 11.29 19.44 1.73
CA LEU A 107 11.89 18.84 2.90
C LEU A 107 13.15 18.08 2.50
N LYS A 108 14.24 18.29 3.23
CA LYS A 108 15.50 17.63 2.95
C LYS A 108 16.01 16.86 4.16
N PRO A 109 16.82 15.81 3.93
CA PRO A 109 17.34 15.02 5.05
C PRO A 109 18.03 15.96 6.04
N GLY A 110 17.76 15.76 7.33
CA GLY A 110 18.37 16.62 8.33
C GLY A 110 17.44 17.73 8.78
N ASP A 111 16.40 18.04 7.99
CA ASP A 111 15.45 19.08 8.39
C ASP A 111 14.60 18.51 9.50
N GLU A 112 13.89 19.37 10.22
CA GLU A 112 13.08 18.90 11.34
C GLU A 112 11.59 19.06 11.14
N VAL A 113 10.84 18.17 11.80
CA VAL A 113 9.38 18.18 11.76
C VAL A 113 8.89 18.10 13.20
N ILE A 114 8.11 19.09 13.62
CA ILE A 114 7.57 19.12 14.97
C ILE A 114 6.34 18.23 15.09
N THR A 115 6.30 17.44 16.16
CA THR A 115 5.17 16.54 16.39
C THR A 115 5.13 16.19 17.89
N VAL A 116 4.34 15.18 18.25
CA VAL A 116 4.25 14.76 19.65
C VAL A 116 4.56 13.28 19.77
N ALA A 117 5.03 12.87 20.95
CA ALA A 117 5.38 11.47 21.21
C ALA A 117 4.17 10.64 21.65
N ALA A 118 3.07 11.30 21.98
CA ALA A 118 1.87 10.58 22.41
C ALA A 118 0.95 10.37 21.23
N GLY A 119 1.33 9.47 20.32
CA GLY A 119 0.50 9.21 19.16
C GLY A 119 0.69 7.86 18.52
N PHE A 120 0.30 7.76 17.25
CA PHE A 120 0.41 6.51 16.51
C PHE A 120 1.72 6.50 15.71
N PRO A 121 2.45 5.38 15.74
CA PRO A 121 3.73 5.29 15.02
C PRO A 121 3.80 5.80 13.57
N THR A 122 2.83 5.47 12.73
CA THR A 122 2.88 5.95 11.35
C THR A 122 2.59 7.43 11.13
N THR A 123 2.35 8.18 12.20
CA THR A 123 2.14 9.62 12.10
C THR A 123 3.54 10.24 12.05
N VAL A 124 4.50 9.55 12.65
CA VAL A 124 5.87 10.02 12.72
C VAL A 124 6.86 9.27 11.82
N ASN A 125 6.61 7.99 11.57
CA ASN A 125 7.53 7.21 10.72
C ASN A 125 7.92 7.88 9.39
N PRO A 126 6.95 8.43 8.64
CA PRO A 126 7.25 9.09 7.35
C PRO A 126 8.40 10.09 7.46
N THR A 127 8.42 10.84 8.55
CA THR A 127 9.48 11.83 8.79
C THR A 127 10.83 11.11 8.84
N ILE A 128 10.92 10.07 9.66
CA ILE A 128 12.17 9.33 9.80
C ILE A 128 12.55 8.58 8.53
N GLN A 129 11.55 8.07 7.82
CA GLN A 129 11.81 7.32 6.59
C GLN A 129 12.32 8.21 5.45
N ASN A 130 12.08 9.51 5.54
CA ASN A 130 12.54 10.43 4.51
C ASN A 130 13.84 11.14 4.92
N GLY A 131 14.43 10.70 6.01
CA GLY A 131 15.68 11.29 6.46
C GLY A 131 15.57 12.52 7.33
N LEU A 132 14.34 12.91 7.67
CA LEU A 132 14.14 14.08 8.51
C LEU A 132 14.21 13.74 10.00
N ILE A 133 14.19 14.77 10.84
CA ILE A 133 14.30 14.61 12.29
C ILE A 133 13.06 15.06 13.06
N PRO A 134 12.44 14.13 13.80
CA PRO A 134 11.25 14.47 14.58
C PRO A 134 11.63 15.25 15.84
N VAL A 135 10.86 16.31 16.14
CA VAL A 135 11.09 17.11 17.33
C VAL A 135 9.80 17.07 18.15
N PHE A 136 9.87 16.47 19.34
CA PHE A 136 8.70 16.31 20.20
C PHE A 136 8.48 17.34 21.31
N VAL A 137 7.21 17.65 21.54
CA VAL A 137 6.81 18.53 22.63
C VAL A 137 5.68 17.79 23.35
N ASP A 138 5.46 18.11 24.62
CA ASP A 138 4.45 17.44 25.44
C ASP A 138 3.00 17.71 25.02
N VAL A 139 2.11 16.83 25.48
CA VAL A 139 0.68 16.95 25.19
C VAL A 139 -0.09 17.41 26.43
N ASP A 140 -1.38 17.65 26.24
CA ASP A 140 -2.24 18.09 27.35
C ASP A 140 -3.24 17.02 27.75
N ILE A 141 -3.66 17.05 29.01
CA ILE A 141 -4.65 16.13 29.57
C ILE A 141 -5.70 17.05 30.17
N PRO A 142 -7.00 16.72 30.02
CA PRO A 142 -7.60 15.58 29.33
C PRO A 142 -8.04 15.75 27.87
N THR A 143 -7.27 16.48 27.05
CA THR A 143 -7.62 16.63 25.63
C THR A 143 -6.77 15.66 24.81
N TYR A 144 -5.65 15.25 25.40
CA TYR A 144 -4.71 14.32 24.77
C TYR A 144 -4.14 14.80 23.43
N ASN A 145 -4.09 16.11 23.27
CA ASN A 145 -3.51 16.71 22.07
C ASN A 145 -2.37 17.65 22.47
N VAL A 146 -1.55 18.00 21.50
CA VAL A 146 -0.38 18.86 21.75
C VAL A 146 -0.65 20.09 22.60
N ASN A 147 0.24 20.37 23.52
CA ASN A 147 0.15 21.57 24.35
C ASN A 147 0.76 22.63 23.44
N ALA A 148 -0.06 23.14 22.53
CA ALA A 148 0.34 24.14 21.55
C ALA A 148 1.31 25.22 22.00
N SER A 149 1.26 25.59 23.27
CA SER A 149 2.13 26.63 23.79
C SER A 149 3.60 26.23 23.76
N LEU A 150 3.86 24.92 23.70
CA LEU A 150 5.23 24.40 23.69
C LEU A 150 5.84 24.30 22.28
N ILE A 151 5.02 24.44 21.26
CA ILE A 151 5.49 24.33 19.88
C ILE A 151 6.55 25.36 19.47
N GLU A 152 6.29 26.63 19.78
CA GLU A 152 7.20 27.72 19.43
C GLU A 152 8.67 27.53 19.85
N ALA A 153 8.89 26.98 21.03
CA ALA A 153 10.24 26.76 21.52
C ALA A 153 10.98 25.61 20.83
N ALA A 154 10.23 24.75 20.15
CA ALA A 154 10.82 23.61 19.45
C ALA A 154 11.36 24.04 18.08
N VAL A 155 10.88 25.19 17.59
CA VAL A 155 11.29 25.73 16.30
C VAL A 155 12.75 26.16 16.27
N SER A 156 13.42 25.86 15.16
CA SER A 156 14.82 26.23 14.99
C SER A 156 15.09 26.49 13.51
N ASP A 157 16.36 26.68 13.17
CA ASP A 157 16.77 26.92 11.78
C ASP A 157 16.45 25.74 10.87
N LYS A 158 16.44 24.54 11.45
CA LYS A 158 16.16 23.33 10.67
C LYS A 158 14.69 22.98 10.62
N THR A 159 13.90 23.57 11.52
CA THR A 159 12.47 23.29 11.55
C THR A 159 11.91 23.53 10.17
N LYS A 160 11.08 22.62 9.71
CA LYS A 160 10.57 22.74 8.36
C LYS A 160 9.07 22.51 8.24
N ALA A 161 8.53 21.71 9.16
CA ALA A 161 7.10 21.41 9.12
C ALA A 161 6.54 20.93 10.45
N ILE A 162 5.21 20.85 10.50
CA ILE A 162 4.50 20.38 11.67
C ILE A 162 3.51 19.33 11.19
N MET A 163 3.69 18.10 11.67
CA MET A 163 2.79 17.00 11.32
C MET A 163 2.28 16.42 12.62
N ILE A 164 0.99 16.59 12.86
CA ILE A 164 0.37 16.10 14.08
C ILE A 164 -1.01 15.55 13.77
N ALA A 165 -1.51 14.68 14.64
CA ALA A 165 -2.81 14.08 14.45
C ALA A 165 -3.83 14.59 15.46
N HIS A 166 -5.08 14.69 15.04
CA HIS A 166 -6.14 15.11 15.94
C HIS A 166 -6.48 13.83 16.69
N THR A 167 -5.71 13.57 17.74
CA THR A 167 -5.84 12.37 18.56
C THR A 167 -7.26 12.01 19.00
N LEU A 168 -7.68 10.81 18.59
CA LEU A 168 -9.00 10.27 18.91
C LEU A 168 -10.19 11.12 18.44
N GLY A 169 -9.96 11.98 17.46
CA GLY A 169 -11.05 12.81 16.96
C GLY A 169 -11.10 14.16 17.62
N ASN A 170 -10.43 14.29 18.78
CA ASN A 170 -10.42 15.58 19.46
C ASN A 170 -9.42 16.41 18.65
N LEU A 171 -9.67 17.70 18.53
CA LEU A 171 -8.80 18.57 17.74
C LEU A 171 -7.66 19.18 18.52
N PHE A 172 -6.55 19.47 17.84
CA PHE A 172 -5.44 20.12 18.52
C PHE A 172 -5.62 21.62 18.31
N ASP A 173 -5.02 22.42 19.20
CA ASP A 173 -5.13 23.87 19.12
C ASP A 173 -4.76 24.41 17.75
N LEU A 174 -5.70 24.36 16.81
CA LEU A 174 -5.44 24.83 15.46
C LEU A 174 -5.10 26.31 15.36
N ALA A 175 -5.56 27.10 16.32
CA ALA A 175 -5.27 28.52 16.29
C ALA A 175 -3.78 28.78 16.55
N GLU A 176 -3.22 28.13 17.56
CA GLU A 176 -1.80 28.30 17.89
C GLU A 176 -0.86 27.63 16.90
N VAL A 177 -1.24 26.44 16.43
CA VAL A 177 -0.44 25.71 15.46
C VAL A 177 -0.36 26.53 14.17
N ARG A 178 -1.52 27.05 13.76
CA ARG A 178 -1.68 27.88 12.56
C ARG A 178 -0.78 29.11 12.66
N ARG A 179 -0.85 29.77 13.81
CA ARG A 179 -0.08 30.95 14.07
C ARG A 179 1.41 30.68 13.93
N VAL A 180 1.87 29.59 14.52
CA VAL A 180 3.29 29.24 14.46
C VAL A 180 3.76 28.85 13.06
N ALA A 181 2.92 28.09 12.37
CA ALA A 181 3.25 27.65 11.03
C ALA A 181 3.47 28.85 10.12
N ASP A 182 2.54 29.80 10.18
CA ASP A 182 2.61 31.02 9.37
C ASP A 182 3.83 31.89 9.68
N LYS A 183 4.02 32.20 10.95
CA LYS A 183 5.14 33.02 11.37
C LYS A 183 6.46 32.48 10.83
N TYR A 184 6.62 31.16 10.83
CA TYR A 184 7.86 30.58 10.33
C TYR A 184 7.79 29.94 8.94
N ASN A 185 6.66 30.11 8.26
CA ASN A 185 6.46 29.54 6.92
C ASN A 185 6.67 28.03 6.88
N LEU A 186 6.09 27.36 7.87
CA LEU A 186 6.20 25.92 7.99
C LEU A 186 5.03 25.23 7.30
N TRP A 187 5.30 24.03 6.79
CA TRP A 187 4.25 23.24 6.15
C TRP A 187 3.45 22.64 7.31
N LEU A 188 2.16 22.42 7.10
CA LEU A 188 1.33 21.81 8.13
C LEU A 188 0.59 20.60 7.57
N ILE A 189 0.84 19.43 8.14
CA ILE A 189 0.14 18.23 7.70
C ILE A 189 -0.79 17.77 8.81
N GLU A 190 -2.09 17.76 8.52
CA GLU A 190 -3.11 17.33 9.46
C GLU A 190 -3.45 15.87 9.34
N ASP A 191 -3.05 15.08 10.34
CA ASP A 191 -3.35 13.66 10.34
C ASP A 191 -4.75 13.51 10.96
N CYS A 192 -5.74 13.32 10.09
CA CYS A 192 -7.12 13.19 10.53
C CYS A 192 -7.59 11.76 10.46
N CYS A 193 -6.65 10.83 10.49
CA CYS A 193 -6.99 9.42 10.42
C CYS A 193 -8.06 9.00 11.40
N ASP A 194 -8.14 9.67 12.56
CA ASP A 194 -9.15 9.33 13.56
C ASP A 194 -10.12 10.48 13.81
N ALA A 195 -10.12 11.48 12.93
CA ALA A 195 -10.98 12.63 13.15
C ALA A 195 -11.86 13.05 11.99
N LEU A 196 -12.30 12.09 11.18
CA LEU A 196 -13.16 12.41 10.04
C LEU A 196 -14.49 12.96 10.55
N GLY A 197 -14.76 14.23 10.25
CA GLY A 197 -16.00 14.85 10.68
C GLY A 197 -15.80 15.88 11.77
N SER A 198 -14.64 15.83 12.41
CA SER A 198 -14.33 16.78 13.48
C SER A 198 -14.25 18.18 12.88
N THR A 199 -14.56 19.19 13.69
CA THR A 199 -14.48 20.56 13.23
C THR A 199 -13.85 21.44 14.30
N TYR A 200 -13.26 22.53 13.86
CA TYR A 200 -12.60 23.45 14.77
C TYR A 200 -13.01 24.84 14.31
N ASP A 201 -13.59 25.63 15.20
CA ASP A 201 -14.01 26.97 14.86
C ASP A 201 -14.98 26.85 13.67
N GLY A 202 -15.79 25.79 13.70
CA GLY A 202 -16.77 25.56 12.65
C GLY A 202 -16.26 24.99 11.34
N LYS A 203 -14.95 25.02 11.13
CA LYS A 203 -14.33 24.53 9.90
C LYS A 203 -13.85 23.08 10.00
N MET A 204 -14.24 22.26 9.02
CA MET A 204 -13.88 20.84 8.95
C MET A 204 -12.39 20.55 9.17
N ALA A 205 -12.11 19.50 9.95
CA ALA A 205 -10.72 19.12 10.24
C ALA A 205 -10.02 18.59 9.00
N GLY A 206 -8.76 19.00 8.81
CA GLY A 206 -8.01 18.55 7.65
C GLY A 206 -7.98 19.58 6.54
N THR A 207 -8.66 20.69 6.75
CA THR A 207 -8.69 21.73 5.73
C THR A 207 -7.95 22.98 6.19
N PHE A 208 -7.19 22.86 7.28
CA PHE A 208 -6.43 23.99 7.79
C PHE A 208 -4.99 23.92 7.34
N GLY A 209 -4.48 22.71 7.16
CA GLY A 209 -3.10 22.54 6.74
C GLY A 209 -2.93 22.42 5.23
N ASP A 210 -1.69 22.19 4.79
CA ASP A 210 -1.42 22.05 3.37
C ASP A 210 -1.88 20.70 2.86
N ILE A 211 -1.80 19.69 3.72
CA ILE A 211 -2.24 18.34 3.35
C ILE A 211 -2.94 17.67 4.54
N GLY A 212 -3.97 16.88 4.22
CA GLY A 212 -4.71 16.17 5.26
C GLY A 212 -4.80 14.69 4.90
N THR A 213 -4.81 13.83 5.91
CA THR A 213 -4.86 12.38 5.70
C THR A 213 -5.97 11.74 6.54
N VAL A 214 -6.47 10.60 6.07
CA VAL A 214 -7.52 9.88 6.81
C VAL A 214 -7.39 8.36 6.57
N SER A 215 -7.89 7.56 7.50
CA SER A 215 -7.83 6.10 7.40
C SER A 215 -9.20 5.41 7.29
N PHE A 216 -9.25 4.30 6.57
CA PHE A 216 -10.49 3.56 6.38
C PHE A 216 -10.37 2.13 6.87
N TYR A 217 -9.53 1.93 7.89
CA TYR A 217 -9.36 0.62 8.51
C TYR A 217 -10.68 0.44 9.28
N PRO A 218 -11.14 -0.82 9.52
CA PRO A 218 -12.39 -1.07 10.23
C PRO A 218 -12.71 -0.31 11.53
N ALA A 219 -11.66 0.02 12.28
CA ALA A 219 -11.84 0.78 13.51
C ALA A 219 -12.57 2.09 13.27
N HIS A 220 -12.34 2.69 12.11
CA HIS A 220 -12.44 4.13 11.94
C HIS A 220 -13.85 4.54 11.55
N HIS A 221 -14.06 5.85 11.43
CA HIS A 221 -15.40 6.38 11.11
C HIS A 221 -16.06 5.65 9.94
N ILE A 222 -15.30 5.38 8.88
CA ILE A 222 -15.82 4.60 7.75
C ILE A 222 -14.71 3.64 7.32
N THR A 223 -15.09 2.54 6.68
CA THR A 223 -14.11 1.56 6.26
C THR A 223 -14.21 1.06 4.83
N MET A 224 -13.11 0.48 4.35
CA MET A 224 -12.99 -0.11 3.03
C MET A 224 -12.26 -1.42 3.28
N GLY A 225 -12.08 -1.74 4.57
CA GLY A 225 -11.34 -2.93 4.96
C GLY A 225 -9.93 -2.44 5.21
N GLU A 226 -9.30 -2.00 4.12
CA GLU A 226 -7.97 -1.42 4.16
C GLU A 226 -8.06 -0.27 3.16
N GLY A 227 -7.64 0.91 3.57
CA GLY A 227 -7.68 2.04 2.67
C GLY A 227 -7.50 3.34 3.41
N GLY A 228 -7.26 4.41 2.66
CA GLY A 228 -7.08 5.70 3.27
C GLY A 228 -7.08 6.73 2.16
N ALA A 229 -6.94 7.99 2.53
CA ALA A 229 -6.94 9.04 1.53
C ALA A 229 -6.05 10.21 1.94
N VAL A 230 -5.53 10.90 0.93
CA VAL A 230 -4.70 12.09 1.12
C VAL A 230 -5.51 13.19 0.43
N PHE A 231 -5.64 14.34 1.08
CA PHE A 231 -6.41 15.42 0.47
C PHE A 231 -5.74 16.77 0.65
N THR A 232 -6.00 17.67 -0.29
CA THR A 232 -5.37 18.98 -0.26
C THR A 232 -6.16 19.98 -1.10
N GLN A 233 -5.79 21.25 -1.00
CA GLN A 233 -6.46 22.29 -1.77
C GLN A 233 -5.53 22.81 -2.87
N SER A 234 -4.29 22.34 -2.88
CA SER A 234 -3.30 22.74 -3.87
C SER A 234 -3.17 21.76 -5.04
N ALA A 235 -3.32 22.29 -6.25
CA ALA A 235 -3.20 21.48 -7.46
C ALA A 235 -1.78 20.95 -7.60
N GLU A 236 -0.81 21.79 -7.28
CA GLU A 236 0.59 21.40 -7.36
C GLU A 236 0.88 20.20 -6.47
N LEU A 237 0.47 20.29 -5.20
CA LEU A 237 0.70 19.18 -4.27
C LEU A 237 -0.05 17.92 -4.72
N LYS A 238 -1.27 18.10 -5.22
CA LYS A 238 -2.07 16.98 -5.70
C LYS A 238 -1.34 16.20 -6.79
N SER A 239 -0.68 16.91 -7.72
CA SER A 239 0.07 16.25 -8.79
C SER A 239 1.31 15.57 -8.27
N ILE A 240 1.90 16.14 -7.23
CA ILE A 240 3.10 15.55 -6.64
C ILE A 240 2.73 14.26 -5.91
N ILE A 241 1.70 14.34 -5.07
CA ILE A 241 1.22 13.19 -4.30
C ILE A 241 0.91 12.03 -5.23
N GLU A 242 0.12 12.34 -6.26
CA GLU A 242 -0.29 11.34 -7.26
C GLU A 242 0.90 10.64 -7.91
N SER A 243 1.93 11.42 -8.23
CA SER A 243 3.13 10.87 -8.85
C SER A 243 3.81 9.88 -7.91
N PHE A 244 4.01 10.28 -6.65
CA PHE A 244 4.65 9.40 -5.67
C PHE A 244 3.83 8.13 -5.43
N ARG A 245 2.51 8.24 -5.55
CA ARG A 245 1.66 7.08 -5.35
C ARG A 245 1.70 6.16 -6.56
N ASP A 246 1.89 6.74 -7.74
CA ASP A 246 1.90 5.96 -8.97
C ASP A 246 3.27 5.69 -9.59
N TRP A 247 4.07 4.85 -8.93
CA TRP A 247 5.39 4.48 -9.42
C TRP A 247 6.36 5.67 -9.55
N GLY A 248 5.89 6.85 -9.20
CA GLY A 248 6.73 8.04 -9.30
C GLY A 248 6.80 8.57 -10.72
N ARG A 249 5.86 8.16 -11.56
CA ARG A 249 5.87 8.54 -12.97
C ARG A 249 5.42 9.98 -13.16
N ASP A 250 5.84 10.57 -14.27
CA ASP A 250 5.72 12.02 -14.44
C ASP A 250 4.29 12.42 -14.79
N CYS A 251 3.87 13.57 -14.28
CA CYS A 251 2.57 14.13 -14.63
C CYS A 251 2.48 15.60 -14.25
N TYR A 252 1.25 16.11 -14.12
CA TYR A 252 0.97 17.51 -14.39
C TYR A 252 1.09 17.83 -15.88
N CYS A 253 1.53 19.04 -16.18
CA CYS A 253 2.28 19.31 -17.40
C CYS A 253 2.33 20.81 -17.70
N LEU A 269 14.75 17.33 -17.36
CA LEU A 269 15.85 16.64 -16.69
C LEU A 269 16.15 15.27 -17.28
N GLY A 270 17.14 14.59 -16.69
CA GLY A 270 17.52 13.28 -17.17
C GLY A 270 18.04 13.37 -18.59
N SER A 271 18.42 12.23 -19.17
CA SER A 271 18.93 12.21 -20.52
C SER A 271 18.29 11.11 -21.35
N LEU A 272 16.96 11.01 -21.24
CA LEU A 272 16.22 10.00 -22.01
C LEU A 272 16.11 10.47 -23.47
N PRO A 273 16.03 9.53 -24.42
CA PRO A 273 15.91 9.90 -25.83
C PRO A 273 14.56 10.53 -26.17
N PHE A 274 14.56 11.47 -27.10
CA PHE A 274 13.33 12.13 -27.53
C PHE A 274 12.31 11.07 -27.88
N GLY A 275 11.06 11.33 -27.53
CA GLY A 275 10.02 10.37 -27.85
C GLY A 275 9.99 9.17 -26.94
N TYR A 276 10.59 9.30 -25.75
CA TYR A 276 10.55 8.19 -24.82
C TYR A 276 9.17 8.22 -24.18
N ASP A 277 8.49 7.08 -24.17
CA ASP A 277 7.15 6.96 -23.61
C ASP A 277 6.99 7.72 -22.30
N HIS A 278 6.02 8.64 -22.25
CA HIS A 278 5.80 9.42 -21.04
C HIS A 278 5.39 8.48 -19.90
N LYS A 279 4.64 7.43 -20.25
CA LYS A 279 4.17 6.43 -19.29
C LYS A 279 5.35 5.85 -18.52
N TYR A 280 6.52 5.84 -19.15
CA TYR A 280 7.73 5.31 -18.53
C TYR A 280 8.79 6.37 -18.23
N THR A 281 8.33 7.56 -17.88
CA THR A 281 9.21 8.66 -17.52
C THR A 281 8.90 8.91 -16.04
N TYR A 282 9.92 8.83 -15.19
CA TYR A 282 9.75 8.98 -13.76
C TYR A 282 10.40 10.22 -13.15
N SER A 283 9.58 11.07 -12.53
CA SER A 283 10.06 12.32 -11.94
C SER A 283 10.23 12.28 -10.43
N HIS A 284 9.83 11.19 -9.79
CA HIS A 284 9.98 11.09 -8.34
C HIS A 284 10.37 9.67 -7.92
N LEU A 285 10.87 9.54 -6.70
CA LEU A 285 11.22 8.24 -6.15
C LEU A 285 10.03 7.58 -5.46
N GLY A 286 9.33 6.72 -6.20
CA GLY A 286 7.91 6.52 -5.99
C GLY A 286 7.59 5.18 -5.38
N TYR A 287 6.35 5.01 -4.94
CA TYR A 287 5.83 3.68 -4.62
C TYR A 287 4.69 3.29 -5.56
N ASN A 288 3.93 2.28 -5.16
CA ASN A 288 2.67 1.98 -5.81
C ASN A 288 1.74 1.72 -4.64
N LEU A 289 0.98 2.74 -4.26
CA LEU A 289 0.08 2.65 -3.13
C LEU A 289 -1.37 2.95 -3.53
N LYS A 290 -1.84 2.27 -4.57
CA LYS A 290 -3.21 2.43 -5.05
C LYS A 290 -4.13 1.34 -4.50
N ILE A 291 -5.44 1.53 -4.62
CA ILE A 291 -6.41 0.53 -4.14
C ILE A 291 -7.28 0.04 -5.30
N THR A 292 -8.18 -0.87 -5.00
CA THR A 292 -9.09 -1.42 -6.01
C THR A 292 -10.44 -0.71 -5.97
N ASP A 293 -11.25 -0.89 -7.01
CA ASP A 293 -12.56 -0.26 -7.01
C ASP A 293 -13.50 -1.02 -6.06
N MET A 294 -13.12 -2.25 -5.70
CA MET A 294 -13.92 -3.03 -4.78
C MET A 294 -13.86 -2.32 -3.42
N GLN A 295 -12.65 -1.87 -3.07
CA GLN A 295 -12.43 -1.16 -1.82
C GLN A 295 -13.12 0.20 -1.86
N ALA A 296 -13.04 0.87 -3.00
CA ALA A 296 -13.66 2.19 -3.18
C ALA A 296 -15.18 2.14 -3.07
N ALA A 297 -15.79 1.07 -3.58
CA ALA A 297 -17.25 0.92 -3.53
C ALA A 297 -17.74 0.85 -2.08
N CYS A 298 -17.09 0.02 -1.27
CA CYS A 298 -17.45 -0.14 0.14
C CYS A 298 -17.42 1.24 0.80
N GLY A 299 -16.34 1.97 0.59
CA GLY A 299 -16.23 3.29 1.17
C GLY A 299 -17.31 4.26 0.68
N LEU A 300 -17.72 4.12 -0.58
CA LEU A 300 -18.75 5.01 -1.14
C LEU A 300 -20.07 4.82 -0.40
N ALA A 301 -20.42 3.56 -0.13
CA ALA A 301 -21.65 3.25 0.60
C ALA A 301 -21.52 3.90 1.96
N GLN A 302 -20.41 3.60 2.64
CA GLN A 302 -20.13 4.14 3.96
C GLN A 302 -20.31 5.66 4.02
N LEU A 303 -19.91 6.36 2.96
CA LEU A 303 -20.03 7.81 2.94
C LEU A 303 -21.46 8.29 3.13
N GLU A 304 -22.41 7.44 2.78
CA GLU A 304 -23.81 7.81 2.93
C GLU A 304 -24.21 7.92 4.40
N ARG A 305 -23.51 7.16 5.24
CA ARG A 305 -23.81 7.14 6.67
C ARG A 305 -22.93 8.00 7.54
N ILE A 306 -21.93 8.64 6.96
CA ILE A 306 -21.01 9.46 7.74
C ILE A 306 -21.68 10.46 8.67
N GLU A 307 -22.58 11.28 8.15
CA GLU A 307 -23.25 12.27 8.98
C GLU A 307 -23.95 11.60 10.16
N GLU A 308 -24.53 10.44 9.90
CA GLU A 308 -25.23 9.65 10.90
C GLU A 308 -24.25 9.15 11.98
N PHE A 309 -23.10 8.66 11.53
CA PHE A 309 -22.08 8.14 12.44
C PHE A 309 -21.47 9.24 13.32
N VAL A 310 -21.21 10.40 12.72
CA VAL A 310 -20.60 11.51 13.47
C VAL A 310 -21.55 12.00 14.57
N GLU A 311 -22.83 12.01 14.25
CA GLU A 311 -23.86 12.43 15.18
C GLU A 311 -23.98 11.44 16.35
N LYS A 312 -23.99 10.15 16.05
CA LYS A 312 -24.08 9.12 17.06
C LYS A 312 -22.86 9.07 17.99
N ARG A 313 -21.66 9.24 17.42
CA ARG A 313 -20.45 9.23 18.23
C ARG A 313 -20.51 10.37 19.24
N LYS A 314 -20.98 11.53 18.80
CA LYS A 314 -21.09 12.69 19.68
C LYS A 314 -22.14 12.43 20.77
N ALA A 315 -23.17 11.67 20.41
CA ALA A 315 -24.25 11.35 21.35
C ALA A 315 -23.75 10.37 22.41
N ASN A 316 -23.19 9.25 21.96
CA ASN A 316 -22.64 8.24 22.86
C ASN A 316 -21.61 8.87 23.80
N PHE A 317 -20.76 9.72 23.26
CA PHE A 317 -19.73 10.37 24.06
C PHE A 317 -20.32 11.13 25.24
N LYS A 318 -21.29 11.99 24.96
CA LYS A 318 -21.92 12.79 26.01
C LYS A 318 -22.64 11.93 27.05
N TYR A 319 -23.41 10.97 26.57
CA TYR A 319 -24.15 10.05 27.43
C TYR A 319 -23.22 9.32 28.39
N LEU A 320 -22.13 8.78 27.84
CA LEU A 320 -21.15 8.05 28.62
C LEU A 320 -20.43 8.95 29.62
N LYS A 321 -20.05 10.15 29.18
CA LYS A 321 -19.36 11.07 30.06
C LYS A 321 -20.24 11.56 31.21
N ASP A 322 -21.51 11.82 30.92
CA ASP A 322 -22.42 12.28 31.97
C ASP A 322 -22.60 11.18 33.01
N ALA A 323 -22.86 9.97 32.53
CA ALA A 323 -23.06 8.82 33.41
C ALA A 323 -21.81 8.41 34.20
N LEU A 324 -20.63 8.58 33.59
CA LEU A 324 -19.38 8.19 34.24
C LEU A 324 -18.88 9.24 35.22
N GLN A 325 -19.62 10.34 35.33
CA GLN A 325 -19.26 11.43 36.22
C GLN A 325 -19.19 10.96 37.69
N SER A 326 -19.90 9.87 37.97
CA SER A 326 -19.93 9.32 39.32
C SER A 326 -18.59 8.75 39.77
N CYS A 327 -17.67 8.55 38.84
CA CYS A 327 -16.35 8.01 39.19
C CYS A 327 -15.29 9.10 39.14
N ALA A 328 -15.72 10.34 38.98
CA ALA A 328 -14.79 11.47 38.88
C ALA A 328 -13.70 11.55 39.95
N ASP A 329 -13.85 10.83 41.06
CA ASP A 329 -12.85 10.86 42.12
C ASP A 329 -11.69 9.89 41.85
N PHE A 330 -11.87 9.01 40.88
CA PHE A 330 -10.85 8.01 40.57
C PHE A 330 -10.32 8.06 39.14
N ILE A 331 -11.06 8.71 38.25
CA ILE A 331 -10.64 8.83 36.86
C ILE A 331 -10.95 10.21 36.28
N GLU A 332 -10.09 10.65 35.38
CA GLU A 332 -10.27 11.95 34.74
C GLU A 332 -10.98 11.72 33.42
N LEU A 333 -12.10 12.39 33.24
CA LEU A 333 -12.91 12.25 32.04
C LEU A 333 -12.41 13.16 30.92
N PRO A 334 -12.62 12.75 29.66
CA PRO A 334 -12.19 13.49 28.47
C PRO A 334 -12.89 14.84 28.25
N GLU A 335 -12.13 15.78 27.70
CA GLU A 335 -12.63 17.11 27.42
C GLU A 335 -12.28 17.56 26.01
N ALA A 336 -13.29 17.97 25.26
CA ALA A 336 -13.09 18.46 23.90
C ALA A 336 -12.23 19.71 23.95
N THR A 337 -11.42 19.92 22.91
CA THR A 337 -10.57 21.10 22.85
C THR A 337 -11.42 22.34 22.65
N GLU A 338 -11.05 23.42 23.34
CA GLU A 338 -11.79 24.68 23.26
C GLU A 338 -12.05 25.15 21.83
N ASN A 339 -13.31 25.51 21.59
CA ASN A 339 -13.76 26.00 20.29
C ASN A 339 -13.70 24.96 19.17
N SER A 340 -13.97 23.71 19.54
CA SER A 340 -13.97 22.62 18.56
C SER A 340 -15.20 21.77 18.79
N ASP A 341 -15.51 20.92 17.81
CA ASP A 341 -16.64 20.03 17.88
C ASP A 341 -16.14 18.69 17.33
N PRO A 342 -15.46 17.94 18.19
CA PRO A 342 -14.76 16.73 17.75
C PRO A 342 -15.72 15.62 17.33
N SER A 343 -15.37 14.89 16.29
CA SER A 343 -16.02 13.62 15.99
C SER A 343 -15.29 12.46 16.65
N TRP A 344 -15.57 12.26 17.94
CA TRP A 344 -14.85 11.27 18.72
C TRP A 344 -14.67 9.91 18.08
N PHE A 345 -13.43 9.41 18.18
CA PHE A 345 -13.05 8.11 17.66
C PHE A 345 -13.21 7.09 18.79
N GLY A 346 -12.90 7.54 20.00
CA GLY A 346 -13.00 6.71 21.17
C GLY A 346 -13.16 7.57 22.41
N PHE A 347 -13.27 6.93 23.58
CA PHE A 347 -13.45 7.66 24.83
C PHE A 347 -12.20 7.50 25.72
N PRO A 348 -11.31 8.49 25.72
CA PRO A 348 -10.08 8.45 26.53
C PRO A 348 -10.26 8.78 28.01
N ILE A 349 -9.74 7.89 28.86
CA ILE A 349 -9.84 8.03 30.31
C ILE A 349 -8.46 7.84 30.94
N THR A 350 -8.17 8.63 31.98
CA THR A 350 -6.91 8.52 32.69
C THR A 350 -7.17 8.14 34.15
N LEU A 351 -6.65 6.99 34.58
CA LEU A 351 -6.82 6.53 35.95
C LEU A 351 -5.91 7.36 36.86
N LYS A 352 -6.47 7.88 37.96
CA LYS A 352 -5.68 8.67 38.90
C LYS A 352 -4.70 7.79 39.64
N GLU A 353 -3.49 8.28 39.83
CA GLU A 353 -2.46 7.51 40.52
C GLU A 353 -2.80 7.19 41.98
N ASP A 354 -3.43 8.13 42.67
CA ASP A 354 -3.78 7.90 44.08
C ASP A 354 -5.09 7.12 44.24
N SER A 355 -5.49 6.40 43.21
CA SER A 355 -6.72 5.63 43.27
C SER A 355 -6.51 4.35 44.07
N GLY A 356 -5.28 3.84 44.07
CA GLY A 356 -5.00 2.62 44.81
C GLY A 356 -4.79 1.42 43.92
N VAL A 357 -5.00 1.57 42.62
CA VAL A 357 -4.79 0.46 41.68
C VAL A 357 -4.04 0.87 40.44
N SER A 358 -3.67 -0.12 39.67
CA SER A 358 -2.94 0.08 38.43
C SER A 358 -3.91 0.02 37.25
N ARG A 359 -3.49 0.56 36.11
CA ARG A 359 -4.33 0.52 34.93
C ARG A 359 -4.58 -0.93 34.54
N ILE A 360 -3.62 -1.80 34.83
CA ILE A 360 -3.72 -3.23 34.54
C ILE A 360 -4.93 -3.85 35.23
N ASP A 361 -5.16 -3.44 36.46
CA ASP A 361 -6.28 -3.95 37.24
C ASP A 361 -7.63 -3.60 36.61
N LEU A 362 -7.79 -2.32 36.24
CA LEU A 362 -9.02 -1.86 35.64
C LEU A 362 -9.25 -2.48 34.26
N VAL A 363 -8.21 -2.46 33.43
CA VAL A 363 -8.28 -3.04 32.09
C VAL A 363 -8.67 -4.52 32.15
N LYS A 364 -8.07 -5.24 33.07
CA LYS A 364 -8.34 -6.66 33.22
C LYS A 364 -9.75 -6.91 33.75
N PHE A 365 -10.16 -6.10 34.73
CA PHE A 365 -11.50 -6.24 35.30
C PHE A 365 -12.50 -6.04 34.15
N LEU A 366 -12.31 -4.96 33.40
CA LEU A 366 -13.19 -4.65 32.27
C LEU A 366 -13.18 -5.76 31.23
N ASP A 367 -12.02 -6.33 30.97
CA ASP A 367 -11.89 -7.38 30.00
C ASP A 367 -12.78 -8.55 30.38
N GLU A 368 -12.73 -8.95 31.66
CA GLU A 368 -13.53 -10.06 32.13
C GLU A 368 -15.01 -9.74 32.04
N ALA A 369 -15.35 -8.46 32.11
CA ALA A 369 -16.73 -8.01 32.02
C ALA A 369 -17.18 -7.80 30.56
N LYS A 370 -16.33 -8.20 29.62
CA LYS A 370 -16.62 -8.07 28.18
C LYS A 370 -16.49 -6.64 27.65
N VAL A 371 -15.86 -5.75 28.41
CA VAL A 371 -15.71 -4.38 27.97
C VAL A 371 -14.30 -4.17 27.42
N GLY A 372 -14.21 -3.92 26.12
CA GLY A 372 -12.93 -3.73 25.48
C GLY A 372 -12.23 -2.42 25.80
N THR A 373 -10.91 -2.48 25.85
CA THR A 373 -10.11 -1.29 26.13
C THR A 373 -8.91 -1.28 25.20
N ARG A 374 -8.34 -0.09 25.04
CA ARG A 374 -7.16 0.13 24.21
C ARG A 374 -6.34 1.19 24.93
N LEU A 375 -5.02 1.07 24.88
CA LEU A 375 -4.17 2.07 25.51
C LEU A 375 -4.05 3.18 24.46
N LEU A 376 -3.51 4.34 24.82
CA LEU A 376 -3.40 5.41 23.84
C LEU A 376 -2.24 5.15 22.87
N PHE A 377 -2.45 4.15 22.03
CA PHE A 377 -1.50 3.76 21.01
C PHE A 377 -0.07 3.55 21.50
N ALA A 378 0.89 4.26 20.91
CA ALA A 378 2.28 4.11 21.30
C ALA A 378 2.58 4.54 22.74
N GLY A 379 1.72 5.37 23.32
CA GLY A 379 1.96 5.84 24.67
C GLY A 379 2.99 6.95 24.61
N ASN A 380 4.25 6.55 24.45
CA ASN A 380 5.37 7.49 24.32
C ASN A 380 6.29 6.86 23.29
N LEU A 381 6.18 7.32 22.04
CA LEU A 381 6.97 6.80 20.95
C LEU A 381 8.46 6.65 21.27
N THR A 382 9.04 7.65 21.93
CA THR A 382 10.46 7.62 22.27
C THR A 382 10.87 6.42 23.13
N ARG A 383 9.92 5.85 23.84
CA ARG A 383 10.17 4.69 24.69
C ARG A 383 9.88 3.36 24.00
N GLN A 384 9.38 3.43 22.77
CA GLN A 384 9.08 2.22 22.00
C GLN A 384 10.40 1.61 21.57
N PRO A 385 10.51 0.28 21.63
CA PRO A 385 11.76 -0.37 21.22
C PRO A 385 12.33 0.03 19.86
N TYR A 386 11.48 0.32 18.88
CA TYR A 386 11.99 0.69 17.57
C TYR A 386 12.58 2.09 17.54
N PHE A 387 12.38 2.86 18.59
CA PHE A 387 12.94 4.21 18.65
C PHE A 387 14.32 4.20 19.31
N HIS A 388 14.81 3.00 19.62
CA HIS A 388 16.10 2.83 20.28
C HIS A 388 17.28 3.57 19.62
N ASP A 389 17.36 3.51 18.30
CA ASP A 389 18.45 4.16 17.59
C ASP A 389 18.01 5.28 16.66
N VAL A 390 16.78 5.75 16.81
CA VAL A 390 16.26 6.82 15.96
C VAL A 390 16.79 8.19 16.38
N LYS A 391 17.09 9.04 15.40
CA LYS A 391 17.59 10.37 15.72
C LYS A 391 16.43 11.35 15.82
N TYR A 392 16.27 11.92 17.01
CA TYR A 392 15.19 12.87 17.27
C TYR A 392 15.58 13.86 18.38
N ARG A 393 14.76 14.88 18.57
CA ARG A 393 14.98 15.86 19.63
C ARG A 393 13.69 16.01 20.41
N VAL A 394 13.81 16.31 21.70
CA VAL A 394 12.65 16.55 22.53
C VAL A 394 12.89 17.87 23.25
N VAL A 395 11.94 18.79 23.14
CA VAL A 395 12.03 20.10 23.75
C VAL A 395 11.16 20.13 25.00
N GLY A 396 11.79 20.33 26.15
CA GLY A 396 11.05 20.35 27.40
C GLY A 396 11.01 18.92 27.91
N GLU A 397 9.94 18.55 28.59
CA GLU A 397 9.80 17.19 29.09
C GLU A 397 8.50 16.56 28.62
N LEU A 398 8.47 15.23 28.55
CA LEU A 398 7.28 14.52 28.10
C LEU A 398 6.55 13.95 29.31
N THR A 399 6.32 14.81 30.30
CA THR A 399 5.64 14.46 31.55
C THR A 399 4.25 13.88 31.33
N ASN A 400 3.39 14.65 30.67
CA ASN A 400 2.02 14.19 30.40
C ASN A 400 2.03 12.98 29.47
N THR A 401 2.99 12.97 28.54
CA THR A 401 3.12 11.87 27.59
C THR A 401 3.38 10.58 28.36
N ASP A 402 4.29 10.63 29.35
CA ASP A 402 4.60 9.45 30.15
C ASP A 402 3.42 9.06 31.04
N ARG A 403 2.65 10.05 31.47
CA ARG A 403 1.49 9.75 32.30
C ARG A 403 0.47 9.00 31.47
N ILE A 404 0.31 9.42 30.22
CA ILE A 404 -0.62 8.78 29.28
C ILE A 404 -0.18 7.34 29.11
N MET A 405 1.10 7.15 28.84
CA MET A 405 1.67 5.82 28.64
C MET A 405 1.40 4.89 29.82
N ASN A 406 1.42 5.46 31.03
CA ASN A 406 1.19 4.68 32.26
C ASN A 406 -0.24 4.60 32.77
N GLN A 407 -0.98 5.70 32.66
CA GLN A 407 -2.33 5.77 33.23
C GLN A 407 -3.56 5.91 32.33
N THR A 408 -3.35 6.14 31.04
CA THR A 408 -4.47 6.34 30.13
C THR A 408 -4.89 5.13 29.31
N PHE A 409 -6.15 5.14 28.90
CA PHE A 409 -6.72 4.08 28.06
C PHE A 409 -8.03 4.64 27.51
N TRP A 410 -8.60 3.99 26.50
CA TRP A 410 -9.86 4.46 25.98
C TRP A 410 -10.83 3.31 25.71
N ILE A 411 -12.11 3.65 25.66
CA ILE A 411 -13.15 2.66 25.42
C ILE A 411 -14.07 3.13 24.29
N GLY A 412 -14.96 2.25 23.85
CA GLY A 412 -15.84 2.58 22.74
C GLY A 412 -17.03 3.50 22.90
N ILE A 413 -17.34 4.22 21.84
CA ILE A 413 -18.49 5.12 21.76
C ILE A 413 -18.91 5.20 20.30
N TYR A 414 -18.46 4.23 19.51
CA TYR A 414 -18.76 4.18 18.09
C TYR A 414 -20.22 3.78 17.80
N PRO A 415 -20.73 4.18 16.62
CA PRO A 415 -22.11 3.91 16.16
C PRO A 415 -22.71 2.54 16.49
N GLY A 416 -21.87 1.53 16.65
CA GLY A 416 -22.36 0.20 16.94
C GLY A 416 -22.77 -0.01 18.39
N LEU A 417 -22.56 1.00 19.22
CA LEU A 417 -22.90 0.93 20.64
C LEU A 417 -24.17 1.69 20.98
N THR A 418 -25.11 1.02 21.63
CA THR A 418 -26.37 1.64 22.03
C THR A 418 -26.29 2.07 23.49
N HIS A 419 -27.35 2.71 23.96
CA HIS A 419 -27.42 3.18 25.35
C HIS A 419 -27.38 2.00 26.33
N ASP A 420 -27.85 0.84 25.91
CA ASP A 420 -27.82 -0.35 26.76
C ASP A 420 -26.36 -0.81 26.93
N HIS A 421 -25.59 -0.68 25.85
CA HIS A 421 -24.19 -1.05 25.85
C HIS A 421 -23.43 -0.18 26.84
N LEU A 422 -23.68 1.12 26.76
CA LEU A 422 -23.04 2.11 27.63
C LEU A 422 -23.47 1.98 29.08
N ASP A 423 -24.76 1.74 29.31
CA ASP A 423 -25.28 1.59 30.66
C ASP A 423 -24.52 0.45 31.36
N TYR A 424 -24.28 -0.63 30.64
CA TYR A 424 -23.57 -1.78 31.18
C TYR A 424 -22.14 -1.37 31.57
N VAL A 425 -21.48 -0.63 30.69
CA VAL A 425 -20.13 -0.18 30.94
C VAL A 425 -20.07 0.70 32.19
N VAL A 426 -20.98 1.66 32.29
CA VAL A 426 -21.01 2.54 33.44
C VAL A 426 -21.18 1.76 34.74
N SER A 427 -22.05 0.77 34.73
CA SER A 427 -22.28 -0.02 35.94
C SER A 427 -21.03 -0.81 36.34
N LYS A 428 -20.25 -1.25 35.37
CA LYS A 428 -19.03 -2.00 35.67
C LYS A 428 -17.97 -1.10 36.29
N PHE A 429 -17.91 0.15 35.86
CA PHE A 429 -16.94 1.08 36.44
C PHE A 429 -17.39 1.30 37.88
N GLU A 430 -18.68 1.50 38.07
CA GLU A 430 -19.21 1.70 39.40
C GLU A 430 -18.92 0.52 40.30
N GLU A 431 -19.17 -0.69 39.80
CA GLU A 431 -18.91 -1.89 40.56
C GLU A 431 -17.43 -1.95 40.92
N PHE A 432 -16.58 -1.74 39.91
CA PHE A 432 -15.13 -1.83 40.11
C PHE A 432 -14.65 -0.81 41.13
N PHE A 433 -15.42 0.26 41.30
CA PHE A 433 -15.03 1.35 42.19
C PHE A 433 -15.86 1.34 43.46
N GLY A 434 -16.65 0.29 43.64
CA GLY A 434 -17.45 0.13 44.85
C GLY A 434 -18.41 1.26 45.08
N LEU A 435 -18.71 2.01 44.01
CA LEU A 435 -19.63 3.13 44.11
C LEU A 435 -21.07 2.67 44.13
N ASN A 436 -21.31 1.41 43.79
CA ASN A 436 -22.67 0.86 43.82
C ASN A 436 -23.05 0.56 45.26
N PHE A 437 -22.15 0.88 46.19
CA PHE A 437 -22.35 0.70 47.62
C PHE A 437 -22.11 2.02 48.34
N SER B 2 -30.49 -21.48 4.27
CA SER B 2 -31.19 -20.38 3.54
C SER B 2 -30.20 -19.31 3.13
N GLN B 3 -29.39 -18.88 4.10
CA GLN B 3 -28.37 -17.87 3.80
C GLN B 3 -27.41 -18.58 2.87
N GLU B 4 -27.27 -19.88 3.12
CA GLU B 4 -26.41 -20.73 2.30
C GLU B 4 -27.05 -20.84 0.93
N GLU B 5 -28.37 -20.67 0.89
CA GLU B 5 -29.10 -20.74 -0.37
C GLU B 5 -28.87 -19.45 -1.14
N LEU B 6 -29.20 -18.32 -0.51
CA LEU B 6 -29.02 -17.03 -1.14
C LEU B 6 -27.64 -16.91 -1.78
N ARG B 7 -26.64 -17.52 -1.15
CA ARG B 7 -25.28 -17.48 -1.68
C ARG B 7 -25.17 -18.27 -2.97
N GLN B 8 -25.60 -19.54 -2.94
CA GLN B 8 -25.54 -20.39 -4.11
C GLN B 8 -26.42 -19.87 -5.25
N GLN B 9 -27.46 -19.12 -4.89
CA GLN B 9 -28.37 -18.55 -5.87
C GLN B 9 -27.73 -17.34 -6.54
N ILE B 10 -26.96 -16.58 -5.75
CA ILE B 10 -26.25 -15.42 -6.26
C ILE B 10 -25.10 -15.93 -7.14
N ALA B 11 -24.46 -16.99 -6.69
CA ALA B 11 -23.36 -17.59 -7.43
C ALA B 11 -23.80 -17.90 -8.87
N GLU B 12 -25.02 -18.41 -9.00
CA GLU B 12 -25.57 -18.76 -10.30
C GLU B 12 -25.83 -17.53 -11.15
N LEU B 13 -26.47 -16.53 -10.55
CA LEU B 13 -26.79 -15.31 -11.28
C LEU B 13 -25.55 -14.58 -11.78
N VAL B 14 -24.42 -14.71 -11.08
CA VAL B 14 -23.19 -14.05 -11.52
C VAL B 14 -22.50 -14.99 -12.51
N ALA B 15 -22.72 -16.30 -12.36
CA ALA B 15 -22.09 -17.26 -13.25
C ALA B 15 -22.58 -17.09 -14.68
N GLN B 16 -23.82 -16.62 -14.84
CA GLN B 16 -24.37 -16.42 -16.18
C GLN B 16 -24.13 -14.99 -16.63
N TYR B 17 -23.86 -14.11 -15.67
CA TYR B 17 -23.59 -12.71 -16.00
C TYR B 17 -22.19 -12.68 -16.60
N ALA B 18 -21.29 -13.45 -15.99
CA ALA B 18 -19.91 -13.52 -16.44
C ALA B 18 -19.78 -14.17 -17.81
N GLU B 19 -20.57 -15.21 -18.06
CA GLU B 19 -20.52 -15.90 -19.35
C GLU B 19 -20.84 -14.97 -20.51
N THR B 20 -21.57 -13.90 -20.21
CA THR B 20 -21.93 -12.92 -21.23
C THR B 20 -20.91 -11.79 -21.26
N ALA B 21 -20.62 -11.22 -20.09
CA ALA B 21 -19.68 -10.12 -19.98
C ALA B 21 -18.24 -10.52 -20.30
N MET B 22 -17.73 -11.53 -19.60
CA MET B 22 -16.35 -11.99 -19.81
C MET B 22 -16.19 -13.00 -20.96
N ALA B 23 -16.91 -12.78 -22.06
CA ALA B 23 -16.82 -13.67 -23.20
C ALA B 23 -15.89 -13.09 -24.26
N PRO B 24 -14.80 -13.81 -24.58
CA PRO B 24 -13.80 -13.39 -25.57
C PRO B 24 -14.40 -13.21 -26.96
N LYS B 25 -14.34 -11.98 -27.48
CA LYS B 25 -14.86 -11.73 -28.82
C LYS B 25 -13.86 -12.21 -29.86
N PRO B 26 -14.33 -12.62 -31.05
CA PRO B 26 -13.45 -13.10 -32.11
C PRO B 26 -12.58 -11.99 -32.69
N PHE B 27 -11.36 -12.35 -33.08
CA PHE B 27 -10.41 -11.41 -33.66
C PHE B 27 -10.90 -10.88 -35.00
N GLU B 28 -10.67 -9.59 -35.24
CA GLU B 28 -11.09 -8.95 -36.48
C GLU B 28 -10.03 -7.97 -36.97
N ALA B 29 -9.18 -8.44 -37.86
CA ALA B 29 -8.10 -7.61 -38.41
C ALA B 29 -8.53 -6.19 -38.72
N GLY B 30 -7.79 -5.22 -38.17
CA GLY B 30 -8.10 -3.83 -38.42
C GLY B 30 -8.98 -3.20 -37.36
N LYS B 31 -9.82 -4.01 -36.72
CA LYS B 31 -10.71 -3.50 -35.69
C LYS B 31 -10.23 -3.88 -34.29
N SER B 32 -9.99 -5.17 -34.08
CA SER B 32 -9.51 -5.69 -32.80
C SER B 32 -8.11 -5.19 -32.49
N VAL B 33 -7.83 -4.98 -31.20
CA VAL B 33 -6.52 -4.52 -30.79
C VAL B 33 -5.69 -5.67 -30.24
N VAL B 34 -4.37 -5.53 -30.31
CA VAL B 34 -3.47 -6.54 -29.78
C VAL B 34 -2.64 -5.83 -28.72
N PRO B 35 -3.19 -5.71 -27.50
CA PRO B 35 -2.46 -5.04 -26.42
C PRO B 35 -1.20 -5.78 -26.01
N PRO B 36 -0.24 -5.07 -25.39
CA PRO B 36 1.02 -5.67 -24.95
C PRO B 36 0.84 -6.60 -23.76
N SER B 37 -0.21 -6.35 -22.98
CA SER B 37 -0.49 -7.18 -21.81
C SER B 37 -1.94 -6.97 -21.41
N GLY B 38 -2.40 -7.81 -20.51
CA GLY B 38 -3.78 -7.71 -20.06
C GLY B 38 -4.15 -8.84 -19.13
N LYS B 39 -5.37 -8.79 -18.63
CA LYS B 39 -5.85 -9.82 -17.71
C LYS B 39 -6.90 -10.68 -18.38
N VAL B 40 -7.04 -11.89 -17.86
CA VAL B 40 -8.02 -12.84 -18.35
C VAL B 40 -8.78 -13.37 -17.14
N ILE B 41 -9.94 -12.78 -16.87
CA ILE B 41 -10.76 -13.18 -15.74
C ILE B 41 -12.12 -13.70 -16.22
N GLY B 42 -12.77 -14.51 -15.39
CA GLY B 42 -14.05 -15.06 -15.79
C GLY B 42 -15.07 -15.20 -14.67
N THR B 43 -15.73 -16.34 -14.63
CA THR B 43 -16.75 -16.61 -13.63
C THR B 43 -16.20 -16.83 -12.22
N LYS B 44 -15.17 -17.65 -12.11
CA LYS B 44 -14.58 -17.92 -10.81
C LYS B 44 -14.16 -16.63 -10.08
N GLU B 45 -13.43 -15.76 -10.79
CA GLU B 45 -12.98 -14.50 -10.21
C GLU B 45 -14.15 -13.71 -9.63
N LEU B 46 -15.14 -13.43 -10.47
CA LEU B 46 -16.31 -12.68 -10.02
C LEU B 46 -17.08 -13.38 -8.91
N GLN B 47 -17.11 -14.70 -8.94
CA GLN B 47 -17.83 -15.44 -7.92
C GLN B 47 -17.19 -15.31 -6.53
N LEU B 48 -15.88 -15.52 -6.43
CA LEU B 48 -15.21 -15.41 -5.14
C LEU B 48 -15.25 -13.97 -4.59
N MET B 49 -15.09 -12.98 -5.48
CA MET B 49 -15.13 -11.59 -5.03
C MET B 49 -16.49 -11.26 -4.43
N VAL B 50 -17.55 -11.88 -4.95
CA VAL B 50 -18.89 -11.65 -4.41
C VAL B 50 -18.94 -12.34 -3.05
N GLU B 51 -18.41 -13.57 -3.00
CA GLU B 51 -18.38 -14.32 -1.76
C GLU B 51 -17.72 -13.50 -0.65
N ALA B 52 -16.54 -12.99 -0.95
CA ALA B 52 -15.78 -12.17 -0.02
C ALA B 52 -16.56 -10.92 0.36
N SER B 53 -17.24 -10.33 -0.63
CA SER B 53 -18.03 -9.13 -0.37
C SER B 53 -19.12 -9.47 0.65
N LEU B 54 -19.76 -10.61 0.42
CA LEU B 54 -20.82 -11.07 1.29
C LEU B 54 -20.32 -11.36 2.70
N ASP B 55 -19.16 -11.99 2.82
CA ASP B 55 -18.57 -12.29 4.13
C ASP B 55 -18.65 -11.06 5.04
N GLY B 56 -18.37 -9.89 4.48
CA GLY B 56 -18.41 -8.68 5.27
C GLY B 56 -17.23 -8.56 6.21
N TRP B 57 -16.22 -9.40 6.02
CA TRP B 57 -15.02 -9.39 6.85
C TRP B 57 -14.11 -8.24 6.41
N LEU B 58 -14.01 -8.03 5.09
CA LEU B 58 -13.23 -6.95 4.48
C LEU B 58 -11.71 -7.04 4.59
N THR B 59 -11.16 -7.09 5.81
CA THR B 59 -9.72 -7.21 5.96
C THR B 59 -9.35 -8.62 5.49
N THR B 60 -8.06 -8.96 5.48
CA THR B 60 -7.68 -10.30 5.03
C THR B 60 -8.21 -11.37 5.98
N GLY B 61 -8.44 -12.55 5.43
CA GLY B 61 -8.95 -13.63 6.23
C GLY B 61 -9.07 -14.92 5.45
N ARG B 62 -10.29 -15.40 5.38
CA ARG B 62 -10.65 -16.63 4.68
C ARG B 62 -10.00 -16.80 3.30
N PHE B 63 -10.20 -15.86 2.40
CA PHE B 63 -9.61 -15.97 1.07
C PHE B 63 -8.10 -15.71 1.07
N ASN B 64 -7.64 -14.74 1.87
CA ASN B 64 -6.22 -14.47 1.89
C ASN B 64 -5.43 -15.66 2.43
N ASP B 65 -5.96 -16.35 3.44
CA ASP B 65 -5.27 -17.52 3.98
C ASP B 65 -5.12 -18.55 2.89
N ALA B 66 -6.20 -18.77 2.15
CA ALA B 66 -6.22 -19.73 1.05
C ALA B 66 -5.22 -19.34 -0.02
N PHE B 67 -5.23 -18.06 -0.41
CA PHE B 67 -4.32 -17.57 -1.45
C PHE B 67 -2.86 -17.77 -1.07
N GLU B 68 -2.46 -17.27 0.11
CA GLU B 68 -1.07 -17.42 0.52
C GLU B 68 -0.67 -18.88 0.56
N LYS B 69 -1.59 -19.74 1.00
CA LYS B 69 -1.31 -21.16 1.08
C LYS B 69 -1.12 -21.79 -0.31
N LYS B 70 -2.10 -21.59 -1.18
CA LYS B 70 -2.02 -22.17 -2.52
C LYS B 70 -0.85 -21.64 -3.35
N LEU B 71 -0.52 -20.37 -3.17
CA LEU B 71 0.61 -19.77 -3.90
C LEU B 71 1.92 -20.31 -3.35
N GLY B 72 1.95 -20.56 -2.04
CA GLY B 72 3.15 -21.10 -1.43
C GLY B 72 3.38 -22.51 -1.94
N GLU B 73 2.29 -23.20 -2.26
CA GLU B 73 2.37 -24.56 -2.78
C GLU B 73 2.83 -24.50 -4.23
N TYR B 74 2.33 -23.52 -4.98
CA TYR B 74 2.71 -23.36 -6.37
C TYR B 74 4.19 -23.00 -6.54
N LEU B 75 4.67 -22.09 -5.70
CA LEU B 75 6.07 -21.66 -5.74
C LEU B 75 6.97 -22.68 -5.07
N GLY B 76 6.44 -23.32 -4.04
CA GLY B 76 7.22 -24.30 -3.30
C GLY B 76 7.93 -23.64 -2.13
N VAL B 77 7.26 -22.69 -1.47
CA VAL B 77 7.83 -22.01 -0.31
C VAL B 77 6.84 -22.05 0.86
N PRO B 78 7.35 -22.09 2.09
CA PRO B 78 6.46 -22.14 3.26
C PRO B 78 5.84 -20.80 3.67
N TYR B 79 6.49 -19.68 3.37
CA TYR B 79 5.95 -18.38 3.76
C TYR B 79 5.67 -17.40 2.64
N VAL B 80 4.40 -17.03 2.52
CA VAL B 80 3.94 -16.08 1.52
C VAL B 80 3.12 -15.03 2.23
N LEU B 81 3.48 -13.77 2.02
CA LEU B 81 2.78 -12.66 2.65
C LEU B 81 2.26 -11.71 1.59
N THR B 82 0.95 -11.49 1.59
CA THR B 82 0.35 -10.56 0.63
C THR B 82 0.56 -9.11 1.07
N THR B 83 0.67 -8.23 0.08
CA THR B 83 0.84 -6.80 0.32
C THR B 83 0.12 -6.05 -0.81
N THR B 84 0.11 -4.72 -0.75
CA THR B 84 -0.64 -3.92 -1.73
C THR B 84 -0.21 -3.90 -3.19
N SER B 85 1.04 -4.26 -3.48
CA SER B 85 1.50 -4.24 -4.85
C SER B 85 2.85 -4.89 -4.99
N GLY B 86 3.30 -5.04 -6.23
CA GLY B 86 4.60 -5.62 -6.46
C GLY B 86 5.64 -4.69 -5.85
N SER B 87 5.38 -3.39 -5.98
CA SER B 87 6.29 -2.37 -5.46
C SER B 87 6.37 -2.43 -3.95
N SER B 88 5.21 -2.62 -3.31
CA SER B 88 5.20 -2.70 -1.87
C SER B 88 5.95 -3.95 -1.43
N ALA B 89 5.84 -5.01 -2.24
CA ALA B 89 6.53 -6.26 -1.92
C ALA B 89 8.03 -6.01 -1.96
N ASN B 90 8.49 -5.34 -3.02
CA ASN B 90 9.92 -5.02 -3.15
C ASN B 90 10.37 -4.13 -1.98
N LEU B 91 9.51 -3.20 -1.59
CA LEU B 91 9.84 -2.31 -0.48
C LEU B 91 10.00 -3.10 0.82
N LEU B 92 9.09 -4.04 1.07
CA LEU B 92 9.14 -4.85 2.30
C LEU B 92 10.31 -5.84 2.30
N ALA B 93 10.64 -6.37 1.13
CA ALA B 93 11.75 -7.32 0.99
C ALA B 93 13.09 -6.68 1.42
N LEU B 94 13.42 -5.56 0.80
CA LEU B 94 14.68 -4.87 1.10
C LEU B 94 14.68 -4.27 2.51
N THR B 95 13.57 -3.63 2.88
CA THR B 95 13.46 -3.00 4.19
C THR B 95 13.62 -4.00 5.32
N ALA B 96 13.02 -5.18 5.16
CA ALA B 96 13.10 -6.22 6.18
C ALA B 96 14.55 -6.57 6.52
N LEU B 97 15.45 -6.46 5.55
CA LEU B 97 16.85 -6.78 5.77
C LEU B 97 17.61 -5.68 6.52
N THR B 98 16.90 -4.63 6.92
CA THR B 98 17.54 -3.54 7.68
C THR B 98 17.24 -3.77 9.18
N SER B 99 16.42 -4.78 9.46
CA SER B 99 16.04 -5.12 10.82
C SER B 99 17.23 -5.41 11.73
N PRO B 100 17.33 -4.70 12.85
CA PRO B 100 18.42 -4.90 13.81
C PRO B 100 18.50 -6.33 14.34
N LYS B 101 17.46 -7.11 14.08
CA LYS B 101 17.43 -8.50 14.52
C LYS B 101 18.36 -9.37 13.67
N LEU B 102 18.79 -8.85 12.52
CA LEU B 102 19.71 -9.59 11.65
C LEU B 102 21.13 -9.29 12.09
N GLY B 103 21.26 -8.51 13.15
CA GLY B 103 22.57 -8.18 13.68
C GLY B 103 23.54 -7.62 12.67
N VAL B 104 24.74 -8.18 12.65
CA VAL B 104 25.80 -7.73 11.75
C VAL B 104 25.40 -7.90 10.28
N ARG B 105 24.38 -8.71 10.02
CA ARG B 105 23.88 -8.97 8.67
C ARG B 105 22.90 -7.89 8.16
N ALA B 106 22.42 -7.05 9.06
CA ALA B 106 21.46 -6.01 8.71
C ALA B 106 22.01 -4.93 7.78
N LEU B 107 21.21 -4.52 6.81
CA LEU B 107 21.60 -3.47 5.87
C LEU B 107 21.55 -2.13 6.57
N LYS B 108 22.60 -1.34 6.39
CA LYS B 108 22.70 -0.02 7.02
C LYS B 108 22.84 1.06 5.96
N PRO B 109 22.50 2.29 6.31
CA PRO B 109 22.62 3.39 5.34
C PRO B 109 24.08 3.43 4.92
N GLY B 110 24.33 3.67 3.64
CA GLY B 110 25.71 3.70 3.17
C GLY B 110 26.16 2.39 2.56
N ASP B 111 25.49 1.29 2.89
CA ASP B 111 25.86 -0.01 2.33
C ASP B 111 25.40 -0.06 0.88
N GLU B 112 25.92 -1.00 0.11
CA GLU B 112 25.57 -1.07 -1.30
C GLU B 112 24.75 -2.29 -1.71
N VAL B 113 23.93 -2.11 -2.74
CA VAL B 113 23.11 -3.18 -3.28
C VAL B 113 23.36 -3.23 -4.78
N ILE B 114 23.86 -4.35 -5.26
CA ILE B 114 24.15 -4.48 -6.69
C ILE B 114 22.87 -4.77 -7.47
N THR B 115 22.71 -4.06 -8.59
CA THR B 115 21.53 -4.26 -9.44
C THR B 115 21.84 -3.77 -10.86
N VAL B 116 20.80 -3.65 -11.69
CA VAL B 116 20.98 -3.18 -13.07
C VAL B 116 20.13 -1.95 -13.31
N ALA B 117 20.56 -1.11 -14.24
CA ALA B 117 19.85 0.13 -14.57
C ALA B 117 18.75 -0.10 -15.60
N ALA B 118 18.76 -1.26 -16.24
CA ALA B 118 17.75 -1.59 -17.25
C ALA B 118 16.60 -2.32 -16.58
N GLY B 119 15.72 -1.59 -15.91
CA GLY B 119 14.61 -2.24 -15.23
C GLY B 119 13.49 -1.31 -14.82
N PHE B 120 12.71 -1.77 -13.84
CA PHE B 120 11.58 -1.01 -13.32
C PHE B 120 12.03 -0.21 -12.09
N PRO B 121 11.58 1.05 -11.97
CA PRO B 121 11.99 1.87 -10.82
C PRO B 121 11.83 1.30 -9.41
N THR B 122 10.69 0.67 -9.12
CA THR B 122 10.47 0.12 -7.78
C THR B 122 11.31 -1.10 -7.42
N THR B 123 12.15 -1.56 -8.34
CA THR B 123 13.03 -2.69 -8.04
C THR B 123 14.24 -2.08 -7.32
N VAL B 124 14.55 -0.84 -7.65
CA VAL B 124 15.69 -0.14 -7.07
C VAL B 124 15.36 0.91 -6.01
N ASN B 125 14.20 1.55 -6.12
CA ASN B 125 13.81 2.60 -5.17
C ASN B 125 13.94 2.22 -3.69
N PRO B 126 13.48 1.02 -3.29
CA PRO B 126 13.59 0.66 -1.87
C PRO B 126 15.01 0.72 -1.32
N THR B 127 16.00 0.45 -2.17
CA THR B 127 17.40 0.53 -1.78
C THR B 127 17.68 2.00 -1.42
N ILE B 128 17.32 2.91 -2.33
CA ILE B 128 17.56 4.34 -2.11
C ILE B 128 16.75 4.86 -0.92
N GLN B 129 15.52 4.39 -0.79
CA GLN B 129 14.65 4.83 0.29
C GLN B 129 15.09 4.38 1.67
N ASN B 130 15.92 3.34 1.72
CA ASN B 130 16.43 2.88 3.02
C ASN B 130 17.83 3.42 3.32
N GLY B 131 18.28 4.36 2.50
CA GLY B 131 19.59 4.96 2.74
C GLY B 131 20.74 4.22 2.10
N LEU B 132 20.45 3.17 1.36
CA LEU B 132 21.53 2.41 0.72
C LEU B 132 21.94 2.97 -0.64
N ILE B 133 23.05 2.44 -1.16
CA ILE B 133 23.63 2.88 -2.43
C ILE B 133 23.52 1.84 -3.53
N PRO B 134 22.79 2.17 -4.61
CA PRO B 134 22.64 1.24 -5.73
C PRO B 134 23.92 1.20 -6.58
N VAL B 135 24.39 0.00 -6.90
CA VAL B 135 25.58 -0.18 -7.73
C VAL B 135 25.16 -0.94 -8.99
N PHE B 136 25.23 -0.27 -10.14
CA PHE B 136 24.81 -0.86 -11.41
C PHE B 136 25.88 -1.51 -12.29
N VAL B 137 25.46 -2.54 -13.02
CA VAL B 137 26.31 -3.22 -13.99
C VAL B 137 25.44 -3.38 -15.25
N ASP B 138 26.08 -3.59 -16.40
CA ASP B 138 25.36 -3.71 -17.66
C ASP B 138 24.55 -5.00 -17.81
N VAL B 139 23.61 -4.98 -18.75
CA VAL B 139 22.77 -6.12 -19.03
C VAL B 139 23.15 -6.75 -20.36
N ASP B 140 22.53 -7.88 -20.68
CA ASP B 140 22.80 -8.58 -21.92
C ASP B 140 21.64 -8.53 -22.91
N ILE B 141 21.97 -8.57 -24.20
CA ILE B 141 20.97 -8.58 -25.27
C ILE B 141 21.30 -9.84 -26.08
N PRO B 142 20.29 -10.61 -26.51
CA PRO B 142 18.84 -10.42 -26.36
C PRO B 142 18.14 -11.14 -25.19
N THR B 143 18.75 -11.19 -24.00
CA THR B 143 18.09 -11.82 -22.85
C THR B 143 17.54 -10.73 -21.94
N TYR B 144 18.07 -9.53 -22.10
CA TYR B 144 17.67 -8.35 -21.33
C TYR B 144 17.80 -8.51 -19.82
N ASN B 145 18.72 -9.37 -19.40
CA ASN B 145 18.99 -9.59 -18.00
C ASN B 145 20.46 -9.31 -17.72
N VAL B 146 20.79 -9.14 -16.46
CA VAL B 146 22.15 -8.83 -16.03
C VAL B 146 23.23 -9.71 -16.67
N ASN B 147 24.34 -9.08 -17.06
CA ASN B 147 25.47 -9.80 -17.61
C ASN B 147 26.25 -10.21 -16.36
N ALA B 148 25.83 -11.30 -15.75
CA ALA B 148 26.41 -11.80 -14.51
C ALA B 148 27.94 -11.73 -14.38
N SER B 149 28.65 -11.83 -15.49
CA SER B 149 30.11 -11.79 -15.43
C SER B 149 30.63 -10.46 -14.92
N LEU B 150 29.78 -9.44 -14.96
CA LEU B 150 30.16 -8.10 -14.52
C LEU B 150 29.87 -7.85 -13.05
N ILE B 151 29.17 -8.76 -12.40
CA ILE B 151 28.81 -8.59 -11.00
C ILE B 151 29.96 -8.60 -10.02
N GLU B 152 30.84 -9.60 -10.12
CA GLU B 152 31.98 -9.71 -9.21
C GLU B 152 32.78 -8.42 -9.02
N ALA B 153 33.00 -7.69 -10.11
CA ALA B 153 33.77 -6.46 -10.07
C ALA B 153 33.05 -5.29 -9.36
N ALA B 154 31.75 -5.42 -9.18
CA ALA B 154 30.99 -4.36 -8.53
C ALA B 154 30.98 -4.55 -7.01
N VAL B 155 31.50 -5.68 -6.58
CA VAL B 155 31.56 -6.01 -5.16
C VAL B 155 32.67 -5.25 -4.45
N SER B 156 32.32 -4.58 -3.35
CA SER B 156 33.30 -3.82 -2.57
C SER B 156 33.06 -4.21 -1.10
N ASP B 157 33.68 -3.48 -0.17
CA ASP B 157 33.52 -3.78 1.24
C ASP B 157 32.15 -3.34 1.77
N LYS B 158 31.49 -2.44 1.05
CA LYS B 158 30.17 -1.94 1.47
C LYS B 158 29.03 -2.77 0.90
N THR B 159 29.34 -3.61 -0.09
CA THR B 159 28.34 -4.45 -0.73
C THR B 159 27.68 -5.41 0.25
N LYS B 160 26.35 -5.47 0.23
CA LYS B 160 25.64 -6.36 1.14
C LYS B 160 24.54 -7.20 0.54
N ALA B 161 24.10 -6.82 -0.66
CA ALA B 161 23.03 -7.56 -1.29
C ALA B 161 23.00 -7.40 -2.79
N ILE B 162 22.23 -8.25 -3.42
CA ILE B 162 22.00 -8.23 -4.85
C ILE B 162 20.49 -8.31 -5.01
N MET B 163 19.90 -7.28 -5.62
CA MET B 163 18.47 -7.25 -5.85
C MET B 163 18.26 -6.91 -7.31
N ILE B 164 17.79 -7.88 -8.08
CA ILE B 164 17.53 -7.68 -9.50
C ILE B 164 16.28 -8.48 -9.87
N ALA B 165 15.62 -8.09 -10.95
CA ALA B 165 14.42 -8.80 -11.37
C ALA B 165 14.68 -9.71 -12.56
N HIS B 166 13.83 -10.73 -12.70
CA HIS B 166 13.92 -11.63 -13.84
C HIS B 166 13.12 -10.89 -14.92
N THR B 167 13.78 -9.95 -15.58
CA THR B 167 13.17 -9.11 -16.59
C THR B 167 12.27 -9.80 -17.61
N LEU B 168 11.02 -9.35 -17.66
CA LEU B 168 10.01 -9.88 -18.57
C LEU B 168 9.83 -11.40 -18.50
N GLY B 169 10.12 -11.98 -17.34
CA GLY B 169 9.95 -13.41 -17.18
C GLY B 169 11.17 -14.23 -17.51
N ASN B 170 12.07 -13.67 -18.32
CA ASN B 170 13.29 -14.39 -18.65
C ASN B 170 14.13 -14.34 -17.38
N LEU B 171 14.84 -15.42 -17.08
CA LEU B 171 15.63 -15.46 -15.86
C LEU B 171 17.04 -14.91 -16.00
N PHE B 172 17.59 -14.39 -14.91
CA PHE B 172 18.95 -13.90 -14.97
C PHE B 172 19.87 -15.06 -14.58
N ASP B 173 21.14 -14.96 -14.94
CA ASP B 173 22.11 -16.03 -14.65
C ASP B 173 22.16 -16.36 -13.17
N LEU B 174 21.25 -17.21 -12.71
CA LEU B 174 21.20 -17.60 -11.31
C LEU B 174 22.44 -18.35 -10.83
N ALA B 175 23.01 -19.19 -11.69
CA ALA B 175 24.20 -19.94 -11.30
C ALA B 175 25.31 -18.99 -10.88
N GLU B 176 25.55 -17.95 -11.67
CA GLU B 176 26.60 -16.99 -11.37
C GLU B 176 26.24 -16.04 -10.21
N VAL B 177 25.01 -15.55 -10.20
CA VAL B 177 24.56 -14.65 -9.13
C VAL B 177 24.74 -15.34 -7.78
N ARG B 178 24.32 -16.61 -7.70
CA ARG B 178 24.44 -17.42 -6.48
C ARG B 178 25.88 -17.61 -6.06
N ARG B 179 26.73 -17.91 -7.02
CA ARG B 179 28.14 -18.11 -6.75
C ARG B 179 28.68 -16.88 -6.05
N VAL B 180 28.40 -15.71 -6.63
CA VAL B 180 28.89 -14.46 -6.07
C VAL B 180 28.27 -14.14 -4.71
N ALA B 181 26.97 -14.39 -4.59
CA ALA B 181 26.25 -14.13 -3.35
C ALA B 181 26.87 -14.95 -2.23
N ASP B 182 27.07 -16.24 -2.48
CA ASP B 182 27.65 -17.14 -1.47
C ASP B 182 29.10 -16.81 -1.12
N LYS B 183 29.92 -16.54 -2.13
CA LYS B 183 31.32 -16.21 -1.89
C LYS B 183 31.47 -15.00 -0.99
N TYR B 184 30.58 -14.04 -1.14
CA TYR B 184 30.65 -12.83 -0.32
C TYR B 184 29.60 -12.72 0.77
N ASN B 185 28.84 -13.80 0.98
CA ASN B 185 27.80 -13.83 2.00
C ASN B 185 26.77 -12.70 1.82
N LEU B 186 26.40 -12.46 0.57
CA LEU B 186 25.45 -11.41 0.25
C LEU B 186 24.01 -11.88 0.27
N TRP B 187 23.10 -10.98 0.60
CA TRP B 187 21.68 -11.29 0.61
C TRP B 187 21.24 -11.28 -0.85
N LEU B 188 20.25 -12.09 -1.19
CA LEU B 188 19.76 -12.10 -2.56
C LEU B 188 18.23 -11.93 -2.60
N ILE B 189 17.78 -10.86 -3.23
CA ILE B 189 16.35 -10.64 -3.37
C ILE B 189 15.97 -10.82 -4.84
N GLU B 190 15.10 -11.81 -5.10
CA GLU B 190 14.63 -12.10 -6.44
C GLU B 190 13.33 -11.36 -6.74
N ASP B 191 13.38 -10.41 -7.66
CA ASP B 191 12.18 -9.68 -8.05
C ASP B 191 11.54 -10.47 -9.18
N CYS B 192 10.47 -11.19 -8.84
CA CYS B 192 9.76 -12.03 -9.79
C CYS B 192 8.43 -11.44 -10.18
N CYS B 193 8.29 -10.14 -9.99
CA CYS B 193 7.04 -9.46 -10.33
C CYS B 193 6.55 -9.78 -11.73
N ASP B 194 7.48 -10.05 -12.64
CA ASP B 194 7.11 -10.36 -14.02
C ASP B 194 7.49 -11.80 -14.40
N ALA B 195 7.84 -12.62 -13.41
CA ALA B 195 8.27 -13.97 -13.72
C ALA B 195 7.58 -15.11 -12.98
N LEU B 196 6.32 -14.93 -12.60
CA LEU B 196 5.61 -15.98 -11.89
C LEU B 196 5.47 -17.21 -12.79
N GLY B 197 6.10 -18.31 -12.36
CA GLY B 197 6.04 -19.54 -13.13
C GLY B 197 7.34 -19.86 -13.85
N SER B 198 8.22 -18.87 -13.97
CA SER B 198 9.50 -19.08 -14.64
C SER B 198 10.33 -20.06 -13.82
N THR B 199 11.22 -20.80 -14.49
CA THR B 199 12.08 -21.75 -13.82
C THR B 199 13.49 -21.63 -14.35
N TYR B 200 14.45 -22.05 -13.52
CA TYR B 200 15.85 -22.01 -13.88
C TYR B 200 16.44 -23.31 -13.37
N ASP B 201 17.06 -24.07 -14.27
CA ASP B 201 17.67 -25.32 -13.87
C ASP B 201 16.57 -26.18 -13.25
N GLY B 202 15.36 -26.02 -13.77
CA GLY B 202 14.22 -26.78 -13.28
C GLY B 202 13.57 -26.30 -11.99
N LYS B 203 14.17 -25.34 -11.31
CA LYS B 203 13.63 -24.83 -10.05
C LYS B 203 12.88 -23.51 -10.20
N MET B 204 11.69 -23.44 -9.59
CA MET B 204 10.82 -22.25 -9.64
C MET B 204 11.53 -20.95 -9.25
N ALA B 205 11.40 -19.93 -10.10
CA ALA B 205 12.02 -18.63 -9.85
C ALA B 205 11.50 -18.00 -8.55
N GLY B 206 12.40 -17.39 -7.80
CA GLY B 206 12.01 -16.76 -6.55
C GLY B 206 12.30 -17.62 -5.33
N THR B 207 12.81 -18.83 -5.57
CA THR B 207 13.13 -19.75 -4.48
C THR B 207 14.64 -19.96 -4.36
N PHE B 208 15.42 -19.17 -5.10
CA PHE B 208 16.88 -19.28 -5.05
C PHE B 208 17.45 -18.27 -4.06
N GLY B 209 16.77 -17.14 -3.91
CA GLY B 209 17.24 -16.11 -3.02
C GLY B 209 16.67 -16.18 -1.62
N ASP B 210 17.03 -15.20 -0.79
CA ASP B 210 16.54 -15.13 0.57
C ASP B 210 15.09 -14.67 0.61
N ILE B 211 14.72 -13.77 -0.30
CA ILE B 211 13.35 -13.26 -0.38
C ILE B 211 12.97 -13.09 -1.83
N GLY B 212 11.71 -13.39 -2.14
CA GLY B 212 11.19 -13.25 -3.49
C GLY B 212 9.95 -12.37 -3.46
N THR B 213 9.66 -11.70 -4.57
CA THR B 213 8.51 -10.80 -4.65
C THR B 213 7.75 -10.99 -5.96
N VAL B 214 6.47 -10.66 -5.96
CA VAL B 214 5.66 -10.79 -7.16
C VAL B 214 4.55 -9.73 -7.18
N SER B 215 4.08 -9.38 -8.38
CA SER B 215 3.04 -8.37 -8.55
C SER B 215 1.73 -8.94 -9.12
N PHE B 216 0.61 -8.37 -8.72
CA PHE B 216 -0.70 -8.82 -9.18
C PHE B 216 -1.48 -7.71 -9.88
N TYR B 217 -0.74 -6.74 -10.43
CA TYR B 217 -1.35 -5.64 -11.16
C TYR B 217 -1.94 -6.33 -12.42
N PRO B 218 -3.01 -5.76 -13.03
CA PRO B 218 -3.62 -6.36 -14.22
C PRO B 218 -2.75 -6.83 -15.38
N ALA B 219 -1.64 -6.13 -15.62
CA ALA B 219 -0.78 -6.41 -16.76
C ALA B 219 -0.01 -7.71 -16.57
N HIS B 220 -0.25 -8.38 -15.45
CA HIS B 220 0.68 -9.38 -14.94
C HIS B 220 0.10 -10.79 -15.06
N HIS B 221 0.84 -11.77 -14.58
CA HIS B 221 0.50 -13.17 -14.80
C HIS B 221 -0.87 -13.50 -14.20
N ILE B 222 -1.09 -13.04 -12.97
CA ILE B 222 -2.41 -13.15 -12.34
C ILE B 222 -2.68 -11.80 -11.68
N THR B 223 -3.94 -11.48 -11.44
CA THR B 223 -4.26 -10.17 -10.88
C THR B 223 -5.25 -10.19 -9.72
N MET B 224 -5.21 -9.08 -8.97
CA MET B 224 -6.10 -8.82 -7.84
C MET B 224 -6.58 -7.40 -8.04
N GLY B 225 -6.21 -6.81 -9.18
CA GLY B 225 -6.54 -5.42 -9.47
C GLY B 225 -5.29 -4.66 -9.03
N GLU B 226 -5.03 -4.73 -7.73
CA GLU B 226 -3.85 -4.12 -7.13
C GLU B 226 -3.47 -5.10 -6.04
N GLY B 227 -2.23 -5.57 -6.06
CA GLY B 227 -1.78 -6.50 -5.05
C GLY B 227 -0.41 -7.06 -5.38
N GLY B 228 0.18 -7.73 -4.41
CA GLY B 228 1.48 -8.33 -4.61
C GLY B 228 1.75 -9.25 -3.46
N ALA B 229 2.90 -9.92 -3.48
CA ALA B 229 3.25 -10.82 -2.40
C ALA B 229 4.75 -10.88 -2.19
N VAL B 230 5.15 -11.15 -0.95
CA VAL B 230 6.55 -11.30 -0.57
C VAL B 230 6.62 -12.72 -0.05
N PHE B 231 7.63 -13.48 -0.45
CA PHE B 231 7.75 -14.86 0.00
C PHE B 231 9.17 -15.26 0.36
N THR B 232 9.28 -16.27 1.22
CA THR B 232 10.59 -16.71 1.68
C THR B 232 10.53 -18.10 2.31
N GLN B 233 11.71 -18.66 2.59
CA GLN B 233 11.81 -19.97 3.22
C GLN B 233 12.29 -19.83 4.67
N SER B 234 12.61 -18.60 5.06
CA SER B 234 13.07 -18.31 6.41
C SER B 234 11.94 -17.82 7.33
N ALA B 235 11.79 -18.48 8.46
CA ALA B 235 10.76 -18.10 9.42
C ALA B 235 11.15 -16.77 10.05
N GLU B 236 12.45 -16.54 10.23
CA GLU B 236 12.91 -15.30 10.82
C GLU B 236 12.53 -14.09 9.95
N LEU B 237 12.81 -14.18 8.65
CA LEU B 237 12.48 -13.09 7.74
C LEU B 237 10.96 -12.87 7.65
N LYS B 238 10.21 -13.96 7.58
CA LYS B 238 8.76 -13.91 7.51
C LYS B 238 8.22 -13.04 8.64
N SER B 239 8.70 -13.27 9.86
CA SER B 239 8.26 -12.50 11.02
C SER B 239 8.65 -11.03 10.89
N ILE B 240 9.83 -10.77 10.32
CA ILE B 240 10.28 -9.41 10.12
C ILE B 240 9.44 -8.72 9.05
N ILE B 241 9.28 -9.36 7.89
CA ILE B 241 8.48 -8.83 6.79
C ILE B 241 7.13 -8.39 7.36
N GLU B 242 6.47 -9.36 7.99
CA GLU B 242 5.14 -9.19 8.59
C GLU B 242 5.05 -7.98 9.52
N SER B 243 6.06 -7.81 10.36
CA SER B 243 6.10 -6.70 11.29
C SER B 243 6.11 -5.37 10.55
N PHE B 244 7.00 -5.24 9.56
CA PHE B 244 7.10 -4.01 8.79
C PHE B 244 5.82 -3.73 8.02
N ARG B 245 5.13 -4.79 7.60
CA ARG B 245 3.89 -4.61 6.85
C ARG B 245 2.77 -4.18 7.79
N ASP B 246 2.83 -4.64 9.04
CA ASP B 246 1.79 -4.34 10.01
C ASP B 246 2.00 -3.29 11.10
N TRP B 247 2.24 -2.05 10.67
CA TRP B 247 2.51 -0.93 11.56
C TRP B 247 3.84 -1.04 12.29
N GLY B 248 4.60 -2.08 11.98
CA GLY B 248 5.89 -2.29 12.62
C GLY B 248 5.72 -2.87 14.03
N ARG B 249 4.56 -3.43 14.33
CA ARG B 249 4.33 -3.97 15.66
C ARG B 249 5.09 -5.27 15.90
N ASP B 250 5.47 -5.48 17.16
CA ASP B 250 6.24 -6.65 17.57
C ASP B 250 5.50 -7.99 17.51
N CYS B 251 6.30 -9.05 17.53
CA CYS B 251 5.86 -10.46 17.48
C CYS B 251 6.21 -11.08 16.13
N LEU B 269 13.82 -4.22 24.87
CA LEU B 269 14.22 -2.84 24.58
C LEU B 269 13.13 -1.82 24.91
N GLY B 270 13.44 -0.55 24.69
CA GLY B 270 12.47 0.49 24.99
C GLY B 270 12.23 0.55 26.49
N SER B 271 11.48 1.55 26.95
CA SER B 271 11.21 1.71 28.37
C SER B 271 9.72 1.82 28.65
N LEU B 272 8.95 0.89 28.08
CA LEU B 272 7.50 0.88 28.29
C LEU B 272 7.17 0.21 29.61
N PRO B 273 6.10 0.65 30.29
CA PRO B 273 5.71 0.06 31.57
C PRO B 273 5.28 -1.39 31.42
N PHE B 274 5.49 -2.17 32.48
CA PHE B 274 5.12 -3.58 32.47
C PHE B 274 3.64 -3.76 32.13
N GLY B 275 3.33 -4.80 31.36
CA GLY B 275 1.96 -5.09 30.97
C GLY B 275 1.38 -4.03 30.06
N TYR B 276 2.24 -3.42 29.26
CA TYR B 276 1.80 -2.58 28.14
C TYR B 276 1.32 -3.44 26.97
N ASP B 277 0.12 -3.14 26.49
CA ASP B 277 -0.50 -3.94 25.43
C ASP B 277 0.51 -4.33 24.35
N HIS B 278 0.68 -5.63 24.11
CA HIS B 278 1.62 -6.07 23.09
C HIS B 278 1.17 -5.58 21.71
N LYS B 279 -0.14 -5.44 21.53
CA LYS B 279 -0.70 -4.98 20.26
C LYS B 279 -0.23 -3.58 19.94
N TYR B 280 0.24 -2.86 20.96
CA TYR B 280 0.72 -1.49 20.79
C TYR B 280 2.21 -1.36 21.14
N THR B 281 2.96 -2.42 20.87
CA THR B 281 4.41 -2.40 21.06
C THR B 281 5.14 -2.65 19.75
N TYR B 282 6.01 -1.71 19.38
CA TYR B 282 6.41 -1.53 17.99
C TYR B 282 7.90 -1.72 17.80
N SER B 283 8.29 -2.81 17.15
CA SER B 283 9.67 -3.25 17.15
C SER B 283 10.40 -2.81 15.87
N HIS B 284 9.64 -2.26 14.93
CA HIS B 284 10.20 -1.80 13.66
C HIS B 284 9.60 -0.50 13.15
N LEU B 285 10.32 0.19 12.29
CA LEU B 285 9.83 1.42 11.68
C LEU B 285 8.97 1.14 10.45
N GLY B 286 7.65 1.23 10.63
CA GLY B 286 6.72 0.35 9.94
C GLY B 286 5.82 1.09 8.99
N TYR B 287 5.06 0.35 8.19
CA TYR B 287 4.05 0.92 7.31
C TYR B 287 2.80 0.08 7.53
N ASN B 288 1.79 0.30 6.71
CA ASN B 288 0.60 -0.55 6.72
C ASN B 288 0.37 -0.82 5.24
N LEU B 289 0.83 -1.98 4.78
CA LEU B 289 0.71 -2.36 3.39
C LEU B 289 -0.07 -3.67 3.22
N LYS B 290 -1.26 -3.74 3.81
CA LYS B 290 -2.10 -4.92 3.73
C LYS B 290 -3.22 -4.78 2.69
N ILE B 291 -3.81 -5.90 2.30
CA ILE B 291 -4.90 -5.87 1.31
C ILE B 291 -6.21 -6.34 1.94
N THR B 292 -7.27 -6.31 1.14
CA THR B 292 -8.60 -6.76 1.60
C THR B 292 -8.81 -8.20 1.13
N ASP B 293 -9.80 -8.88 1.70
CA ASP B 293 -10.06 -10.26 1.28
C ASP B 293 -10.74 -10.28 -0.09
N MET B 294 -11.24 -9.12 -0.53
CA MET B 294 -11.86 -9.02 -1.84
C MET B 294 -10.76 -9.21 -2.89
N GLN B 295 -9.62 -8.58 -2.63
CA GLN B 295 -8.46 -8.68 -3.53
C GLN B 295 -7.93 -10.10 -3.52
N ALA B 296 -7.83 -10.67 -2.33
CA ALA B 296 -7.32 -12.04 -2.17
C ALA B 296 -8.17 -13.07 -2.92
N ALA B 297 -9.50 -12.91 -2.88
CA ALA B 297 -10.41 -13.83 -3.55
C ALA B 297 -10.13 -13.88 -5.06
N CYS B 298 -10.06 -12.69 -5.67
CA CYS B 298 -9.79 -12.58 -7.11
C CYS B 298 -8.50 -13.35 -7.42
N GLY B 299 -7.46 -13.09 -6.65
CA GLY B 299 -6.20 -13.78 -6.86
C GLY B 299 -6.31 -15.28 -6.66
N LEU B 300 -7.17 -15.71 -5.73
CA LEU B 300 -7.35 -17.15 -5.47
C LEU B 300 -7.95 -17.81 -6.70
N ALA B 301 -8.93 -17.15 -7.32
CA ALA B 301 -9.56 -17.67 -8.52
C ALA B 301 -8.47 -17.81 -9.59
N GLN B 302 -7.77 -16.70 -9.82
CA GLN B 302 -6.69 -16.64 -10.80
C GLN B 302 -5.68 -17.77 -10.65
N LEU B 303 -5.33 -18.11 -9.42
CA LEU B 303 -4.37 -19.18 -9.18
C LEU B 303 -4.80 -20.50 -9.81
N GLU B 304 -6.10 -20.66 -10.03
CA GLU B 304 -6.62 -21.87 -10.62
C GLU B 304 -6.29 -21.95 -12.11
N ARG B 305 -5.70 -20.89 -12.65
CA ARG B 305 -5.37 -20.85 -14.07
C ARG B 305 -3.90 -20.65 -14.37
N ILE B 306 -3.10 -20.36 -13.34
CA ILE B 306 -1.71 -20.09 -13.55
C ILE B 306 -0.99 -21.08 -14.45
N GLU B 307 -1.23 -22.37 -14.27
CA GLU B 307 -0.56 -23.36 -15.12
C GLU B 307 -0.94 -23.20 -16.57
N GLU B 308 -2.21 -22.87 -16.79
CA GLU B 308 -2.73 -22.66 -18.14
C GLU B 308 -2.09 -21.42 -18.77
N PHE B 309 -2.05 -20.33 -18.00
CA PHE B 309 -1.48 -19.07 -18.45
C PHE B 309 0.01 -19.18 -18.78
N VAL B 310 0.74 -19.93 -17.96
CA VAL B 310 2.18 -20.10 -18.16
C VAL B 310 2.49 -20.89 -19.42
N GLU B 311 1.66 -21.87 -19.74
CA GLU B 311 1.86 -22.68 -20.93
C GLU B 311 1.49 -21.89 -22.19
N LYS B 312 0.40 -21.13 -22.10
CA LYS B 312 -0.05 -20.34 -23.23
C LYS B 312 0.96 -19.24 -23.60
N ARG B 313 1.52 -18.59 -22.59
CA ARG B 313 2.51 -17.55 -22.81
C ARG B 313 3.73 -18.17 -23.50
N LYS B 314 4.12 -19.36 -23.05
CA LYS B 314 5.27 -20.06 -23.63
C LYS B 314 4.96 -20.46 -25.08
N ALA B 315 3.70 -20.79 -25.34
CA ALA B 315 3.28 -21.18 -26.68
C ALA B 315 3.25 -19.97 -27.60
N ASN B 316 2.56 -18.91 -27.17
CA ASN B 316 2.48 -17.70 -27.94
C ASN B 316 3.88 -17.17 -28.27
N PHE B 317 4.79 -17.28 -27.30
CA PHE B 317 6.15 -16.80 -27.50
C PHE B 317 6.85 -17.55 -28.64
N LYS B 318 6.79 -18.87 -28.61
CA LYS B 318 7.43 -19.70 -29.62
C LYS B 318 6.85 -19.40 -31.01
N TYR B 319 5.53 -19.36 -31.09
CA TYR B 319 4.81 -19.10 -32.32
C TYR B 319 5.19 -17.74 -32.91
N LEU B 320 5.17 -16.71 -32.07
CA LEU B 320 5.49 -15.36 -32.51
C LEU B 320 6.94 -15.24 -32.97
N LYS B 321 7.86 -15.84 -32.20
CA LYS B 321 9.27 -15.77 -32.55
C LYS B 321 9.58 -16.49 -33.85
N ASP B 322 8.96 -17.67 -34.04
CA ASP B 322 9.21 -18.42 -35.27
C ASP B 322 8.74 -17.64 -36.49
N ALA B 323 7.51 -17.16 -36.44
CA ALA B 323 6.93 -16.40 -37.55
C ALA B 323 7.65 -15.07 -37.82
N LEU B 324 8.15 -14.45 -36.76
CA LEU B 324 8.84 -13.17 -36.87
C LEU B 324 10.28 -13.32 -37.34
N GLN B 325 10.69 -14.56 -37.53
CA GLN B 325 12.05 -14.85 -37.98
C GLN B 325 12.33 -14.27 -39.36
N SER B 326 11.25 -13.98 -40.09
CA SER B 326 11.37 -13.41 -41.43
C SER B 326 11.90 -11.98 -41.41
N CYS B 327 11.91 -11.36 -40.23
CA CYS B 327 12.40 -9.98 -40.10
C CYS B 327 13.76 -9.92 -39.42
N ALA B 328 14.41 -11.08 -39.27
CA ALA B 328 15.70 -11.15 -38.59
C ALA B 328 16.79 -10.21 -39.11
N ASP B 329 16.61 -9.66 -40.32
CA ASP B 329 17.61 -8.75 -40.86
C ASP B 329 17.46 -7.35 -40.30
N PHE B 330 16.28 -7.06 -39.75
CA PHE B 330 16.01 -5.73 -39.21
C PHE B 330 15.83 -5.67 -37.70
N ILE B 331 15.43 -6.78 -37.09
CA ILE B 331 15.23 -6.82 -35.64
C ILE B 331 15.87 -8.03 -34.97
N GLU B 332 16.30 -7.84 -33.74
CA GLU B 332 16.91 -8.90 -32.95
C GLU B 332 15.83 -9.52 -32.07
N LEU B 333 15.60 -10.82 -32.28
CA LEU B 333 14.58 -11.56 -31.53
C LEU B 333 15.07 -12.04 -30.17
N PRO B 334 14.14 -12.14 -29.20
CA PRO B 334 14.40 -12.57 -27.83
C PRO B 334 14.92 -14.00 -27.66
N GLU B 335 15.75 -14.18 -26.65
CA GLU B 335 16.32 -15.48 -26.35
C GLU B 335 16.28 -15.81 -24.86
N ALA B 336 15.69 -16.95 -24.54
CA ALA B 336 15.58 -17.41 -23.16
C ALA B 336 16.99 -17.59 -22.62
N THR B 337 17.16 -17.32 -21.33
CA THR B 337 18.47 -17.47 -20.71
C THR B 337 18.87 -18.94 -20.63
N GLU B 338 20.13 -19.22 -20.94
CA GLU B 338 20.65 -20.57 -20.93
C GLU B 338 20.27 -21.36 -19.68
N ASN B 339 19.73 -22.56 -19.92
CA ASN B 339 19.32 -23.47 -18.86
C ASN B 339 18.14 -22.96 -18.03
N SER B 340 17.19 -22.31 -18.70
CA SER B 340 16.01 -21.79 -18.02
C SER B 340 14.78 -22.02 -18.87
N ASP B 341 13.61 -21.86 -18.27
CA ASP B 341 12.35 -22.01 -18.98
C ASP B 341 11.44 -20.87 -18.51
N PRO B 342 11.65 -19.70 -19.10
CA PRO B 342 11.02 -18.47 -18.62
C PRO B 342 9.52 -18.48 -18.85
N SER B 343 8.75 -17.94 -17.90
CA SER B 343 7.34 -17.66 -18.11
C SER B 343 7.13 -16.24 -18.65
N TRP B 344 7.36 -16.08 -19.95
CA TRP B 344 7.35 -14.75 -20.58
C TRP B 344 6.21 -13.83 -20.20
N PHE B 345 6.59 -12.60 -19.87
CA PHE B 345 5.66 -11.54 -19.48
C PHE B 345 5.30 -10.78 -20.76
N GLY B 346 6.30 -10.66 -21.63
CA GLY B 346 6.16 -9.96 -22.89
C GLY B 346 7.19 -10.43 -23.89
N PHE B 347 7.13 -9.89 -25.10
CA PHE B 347 8.07 -10.27 -26.16
C PHE B 347 8.99 -9.09 -26.50
N PRO B 348 10.21 -9.06 -25.93
CA PRO B 348 11.17 -7.98 -26.18
C PRO B 348 11.88 -8.03 -27.54
N ILE B 349 11.88 -6.90 -28.23
CA ILE B 349 12.51 -6.80 -29.55
C ILE B 349 13.41 -5.58 -29.63
N THR B 350 14.59 -5.74 -30.23
CA THR B 350 15.52 -4.64 -30.39
C THR B 350 15.66 -4.32 -31.89
N LEU B 351 15.32 -3.09 -32.27
CA LEU B 351 15.42 -2.65 -33.66
C LEU B 351 16.88 -2.37 -33.97
N LYS B 352 17.40 -2.98 -35.02
CA LYS B 352 18.81 -2.76 -35.41
C LYS B 352 19.00 -1.33 -35.85
N GLU B 353 20.11 -0.73 -35.42
CA GLU B 353 20.40 0.66 -35.77
C GLU B 353 20.62 0.91 -37.27
N ASP B 354 21.15 -0.07 -37.99
CA ASP B 354 21.38 0.14 -39.41
C ASP B 354 20.18 -0.21 -40.29
N SER B 355 18.98 -0.17 -39.70
CA SER B 355 17.76 -0.49 -40.44
C SER B 355 17.26 0.72 -41.23
N GLY B 356 17.74 1.91 -40.89
CA GLY B 356 17.32 3.11 -41.60
C GLY B 356 16.09 3.80 -41.03
N VAL B 357 15.55 3.28 -39.94
CA VAL B 357 14.39 3.90 -39.30
C VAL B 357 14.62 3.91 -37.79
N SER B 358 13.85 4.73 -37.08
CA SER B 358 14.00 4.83 -35.63
C SER B 358 12.87 4.07 -34.95
N ARG B 359 13.05 3.77 -33.66
CA ARG B 359 12.04 3.04 -32.92
C ARG B 359 10.69 3.76 -32.92
N ILE B 360 10.71 5.09 -32.88
CA ILE B 360 9.48 5.88 -32.89
C ILE B 360 8.65 5.58 -34.14
N ASP B 361 9.35 5.38 -35.27
CA ASP B 361 8.67 5.08 -36.53
C ASP B 361 7.91 3.76 -36.49
N LEU B 362 8.58 2.72 -35.98
CA LEU B 362 7.96 1.40 -35.90
C LEU B 362 6.83 1.36 -34.87
N VAL B 363 7.07 1.97 -33.70
CA VAL B 363 6.07 2.02 -32.65
C VAL B 363 4.81 2.74 -33.10
N LYS B 364 4.97 3.83 -33.84
CA LYS B 364 3.84 4.59 -34.33
C LYS B 364 3.10 3.81 -35.42
N PHE B 365 3.86 3.13 -36.28
CA PHE B 365 3.23 2.34 -37.35
C PHE B 365 2.39 1.27 -36.67
N LEU B 366 2.98 0.56 -35.72
CA LEU B 366 2.28 -0.49 -34.99
C LEU B 366 1.05 0.02 -34.27
N ASP B 367 1.18 1.19 -33.64
CA ASP B 367 0.07 1.78 -32.92
C ASP B 367 -1.09 2.00 -33.87
N GLU B 368 -0.78 2.55 -35.03
CA GLU B 368 -1.80 2.82 -36.04
C GLU B 368 -2.50 1.54 -36.46
N ALA B 369 -1.77 0.43 -36.45
CA ALA B 369 -2.33 -0.86 -36.81
C ALA B 369 -3.00 -1.56 -35.65
N LYS B 370 -3.20 -0.85 -34.54
CA LYS B 370 -3.84 -1.40 -33.34
C LYS B 370 -2.97 -2.38 -32.57
N VAL B 371 -1.66 -2.36 -32.82
CA VAL B 371 -0.75 -3.26 -32.12
C VAL B 371 -0.04 -2.49 -31.00
N GLY B 372 -0.26 -2.91 -29.76
CA GLY B 372 0.35 -2.25 -28.64
C GLY B 372 1.82 -2.56 -28.43
N THR B 373 2.54 -1.57 -27.91
CA THR B 373 3.95 -1.72 -27.61
C THR B 373 4.25 -1.01 -26.30
N ARG B 374 5.41 -1.34 -25.72
CA ARG B 374 5.87 -0.74 -24.48
C ARG B 374 7.38 -0.71 -24.61
N LEU B 375 8.03 0.24 -23.97
CA LEU B 375 9.47 0.30 -24.02
C LEU B 375 9.93 -0.55 -22.83
N LEU B 376 11.21 -0.86 -22.73
CA LEU B 376 11.65 -1.69 -21.60
C LEU B 376 11.71 -0.86 -20.32
N PHE B 377 10.53 -0.56 -19.81
CA PHE B 377 10.36 0.20 -18.58
C PHE B 377 11.23 1.46 -18.50
N ALA B 378 12.06 1.56 -17.47
CA ALA B 378 12.89 2.75 -17.31
C ALA B 378 13.95 2.95 -18.39
N GLY B 379 14.28 1.88 -19.12
CA GLY B 379 15.30 1.99 -20.15
C GLY B 379 16.66 2.01 -19.48
N ASN B 380 17.00 3.15 -18.88
CA ASN B 380 18.25 3.32 -18.15
C ASN B 380 17.91 4.21 -16.97
N LEU B 381 17.70 3.60 -15.80
CA LEU B 381 17.35 4.32 -14.59
C LEU B 381 18.21 5.54 -14.31
N THR B 382 19.53 5.44 -14.52
CA THR B 382 20.42 6.56 -14.25
C THR B 382 20.14 7.80 -15.10
N ARG B 383 19.43 7.63 -16.19
CA ARG B 383 19.11 8.75 -17.07
C ARG B 383 17.71 9.32 -16.80
N GLN B 384 16.95 8.63 -15.95
CA GLN B 384 15.61 9.08 -15.59
C GLN B 384 15.73 10.36 -14.77
N PRO B 385 14.84 11.34 -15.00
CA PRO B 385 14.90 12.59 -14.25
C PRO B 385 14.94 12.48 -12.72
N TYR B 386 14.23 11.52 -12.13
CA TYR B 386 14.26 11.40 -10.68
C TYR B 386 15.60 10.89 -10.16
N PHE B 387 16.48 10.45 -11.06
CA PHE B 387 17.80 9.99 -10.63
C PHE B 387 18.81 11.13 -10.64
N HIS B 388 18.36 12.32 -11.00
CA HIS B 388 19.23 13.50 -11.08
C HIS B 388 20.22 13.66 -9.94
N ASP B 389 19.74 13.60 -8.70
CA ASP B 389 20.63 13.76 -7.56
C ASP B 389 20.79 12.52 -6.70
N VAL B 390 20.35 11.36 -7.20
CA VAL B 390 20.47 10.13 -6.43
C VAL B 390 21.93 9.71 -6.34
N LYS B 391 22.31 9.12 -5.21
CA LYS B 391 23.69 8.67 -5.04
C LYS B 391 23.83 7.20 -5.38
N TYR B 392 24.64 6.93 -6.40
CA TYR B 392 24.84 5.55 -6.87
C TYR B 392 26.21 5.37 -7.52
N ARG B 393 26.54 4.12 -7.82
CA ARG B 393 27.79 3.81 -8.49
C ARG B 393 27.49 2.93 -9.68
N VAL B 394 28.30 3.04 -10.72
CA VAL B 394 28.14 2.20 -11.89
C VAL B 394 29.53 1.65 -12.21
N VAL B 395 29.63 0.33 -12.29
CA VAL B 395 30.88 -0.35 -12.57
C VAL B 395 30.91 -0.85 -14.01
N GLY B 396 31.74 -0.20 -14.82
CA GLY B 396 31.86 -0.56 -16.23
C GLY B 396 31.06 0.46 -17.01
N GLU B 397 30.48 0.06 -18.12
CA GLU B 397 29.67 0.96 -18.92
C GLU B 397 28.29 0.37 -19.13
N LEU B 398 27.29 1.23 -19.27
CA LEU B 398 25.92 0.77 -19.47
C LEU B 398 25.59 0.81 -20.96
N THR B 399 26.48 0.24 -21.77
CA THR B 399 26.33 0.20 -23.22
C THR B 399 25.02 -0.45 -23.68
N ASN B 400 24.82 -1.70 -23.30
CA ASN B 400 23.59 -2.41 -23.67
C ASN B 400 22.37 -1.75 -23.05
N THR B 401 22.53 -1.22 -21.83
CA THR B 401 21.43 -0.55 -21.15
C THR B 401 21.01 0.65 -21.98
N ASP B 402 21.97 1.43 -22.46
CA ASP B 402 21.65 2.59 -23.29
C ASP B 402 21.08 2.13 -24.64
N ARG B 403 21.51 0.99 -25.11
CA ARG B 403 21.01 0.49 -26.38
C ARG B 403 19.53 0.14 -26.23
N ILE B 404 19.20 -0.47 -25.09
CA ILE B 404 17.83 -0.86 -24.79
C ILE B 404 16.95 0.37 -24.73
N MET B 405 17.40 1.37 -23.98
CA MET B 405 16.68 2.62 -23.82
C MET B 405 16.34 3.26 -25.17
N ASN B 406 17.27 3.12 -26.12
CA ASN B 406 17.07 3.69 -27.44
C ASN B 406 16.41 2.81 -28.49
N GLN B 407 16.74 1.52 -28.49
CA GLN B 407 16.24 0.62 -29.53
C GLN B 407 15.32 -0.53 -29.17
N THR B 408 15.04 -0.73 -27.87
CA THR B 408 14.21 -1.86 -27.47
C THR B 408 12.77 -1.51 -27.14
N PHE B 409 11.91 -2.52 -27.25
CA PHE B 409 10.48 -2.39 -26.94
C PHE B 409 9.93 -3.81 -26.90
N TRP B 410 8.73 -3.99 -26.36
CA TRP B 410 8.15 -5.31 -26.33
C TRP B 410 6.68 -5.30 -26.69
N ILE B 411 6.19 -6.45 -27.13
CA ILE B 411 4.80 -6.61 -27.51
C ILE B 411 4.18 -7.79 -26.77
N GLY B 412 2.85 -7.92 -26.85
CA GLY B 412 2.18 -8.98 -26.13
C GLY B 412 2.22 -10.42 -26.61
N ILE B 413 2.10 -11.32 -25.64
CA ILE B 413 2.06 -12.76 -25.88
C ILE B 413 1.29 -13.40 -24.72
N TYR B 414 0.50 -12.56 -24.04
CA TYR B 414 -0.28 -13.02 -22.89
C TYR B 414 -1.48 -13.88 -23.31
N PRO B 415 -1.98 -14.73 -22.40
CA PRO B 415 -3.11 -15.64 -22.63
C PRO B 415 -4.32 -15.09 -23.41
N GLY B 416 -4.49 -13.78 -23.42
CA GLY B 416 -5.62 -13.20 -24.13
C GLY B 416 -5.39 -13.11 -25.62
N LEU B 417 -4.20 -13.49 -26.08
CA LEU B 417 -3.86 -13.43 -27.49
C LEU B 417 -3.87 -14.79 -28.17
N THR B 418 -4.64 -14.89 -29.25
CA THR B 418 -4.74 -16.13 -30.02
C THR B 418 -3.78 -16.08 -31.19
N HIS B 419 -3.68 -17.20 -31.91
CA HIS B 419 -2.79 -17.28 -33.06
C HIS B 419 -3.21 -16.29 -34.14
N ASP B 420 -4.49 -15.96 -34.20
CA ASP B 420 -4.97 -15.00 -35.19
C ASP B 420 -4.49 -13.61 -34.81
N HIS B 421 -4.42 -13.35 -33.51
CA HIS B 421 -3.95 -12.07 -32.98
C HIS B 421 -2.48 -11.93 -33.38
N LEU B 422 -1.71 -12.99 -33.17
CA LEU B 422 -0.29 -12.99 -33.49
C LEU B 422 -0.04 -12.93 -34.99
N ASP B 423 -0.80 -13.70 -35.77
CA ASP B 423 -0.66 -13.70 -37.23
C ASP B 423 -0.75 -12.28 -37.77
N TYR B 424 -1.71 -11.51 -37.25
CA TYR B 424 -1.92 -10.13 -37.67
C TYR B 424 -0.69 -9.27 -37.34
N VAL B 425 -0.13 -9.49 -36.15
CA VAL B 425 1.04 -8.75 -35.72
C VAL B 425 2.20 -9.03 -36.67
N VAL B 426 2.42 -10.30 -36.99
CA VAL B 426 3.50 -10.68 -37.87
C VAL B 426 3.36 -10.05 -39.26
N SER B 427 2.14 -10.07 -39.80
CA SER B 427 1.93 -9.50 -41.12
C SER B 427 2.25 -8.00 -41.12
N LYS B 428 1.95 -7.31 -40.03
CA LYS B 428 2.22 -5.87 -39.97
C LYS B 428 3.71 -5.57 -39.91
N PHE B 429 4.49 -6.44 -39.28
CA PHE B 429 5.93 -6.25 -39.21
C PHE B 429 6.50 -6.42 -40.61
N GLU B 430 6.04 -7.48 -41.29
CA GLU B 430 6.49 -7.75 -42.64
C GLU B 430 6.11 -6.59 -43.55
N GLU B 431 4.89 -6.11 -43.41
CA GLU B 431 4.42 -5.00 -44.22
C GLU B 431 5.33 -3.79 -44.01
N PHE B 432 5.63 -3.51 -42.74
CA PHE B 432 6.48 -2.39 -42.36
C PHE B 432 7.85 -2.45 -43.07
N PHE B 433 8.50 -3.61 -43.04
CA PHE B 433 9.81 -3.75 -43.65
C PHE B 433 9.79 -4.09 -45.14
N GLY B 434 8.60 -4.13 -45.72
CA GLY B 434 8.46 -4.43 -47.14
C GLY B 434 8.80 -5.87 -47.50
N LEU B 435 8.66 -6.78 -46.54
CA LEU B 435 8.95 -8.19 -46.75
C LEU B 435 7.84 -8.94 -47.47
N ASN B 436 6.66 -8.33 -47.54
CA ASN B 436 5.53 -8.95 -48.23
C ASN B 436 5.66 -8.70 -49.74
N PHE B 437 6.78 -8.09 -50.13
CA PHE B 437 7.06 -7.78 -51.53
C PHE B 437 8.38 -8.39 -51.97
FE FE C . 1.18 10.54 -20.28
C1 BEN D . 7.65 27.22 -4.02
C2 BEN D . 7.04 28.42 -3.44
C3 BEN D . 7.82 29.32 -2.62
C4 BEN D . 9.21 29.02 -2.36
C5 BEN D . 9.84 27.85 -2.91
C6 BEN D . 9.06 26.95 -3.74
C BEN D . 6.84 26.27 -4.90
N1 BEN D . 7.51 25.36 -5.83
N2 BEN D . 5.50 26.25 -4.87
C1 BEN E . -11.66 2.12 45.35
C2 BEN E . -12.19 0.87 44.85
C3 BEN E . -11.58 0.22 43.70
C4 BEN E . -10.43 0.83 43.07
C5 BEN E . -9.89 2.08 43.55
C6 BEN E . -10.51 2.73 44.70
C BEN E . -12.31 2.81 46.56
N1 BEN E . -11.50 3.56 47.51
N2 BEN E . -13.63 2.75 46.77
C1 BEN F . 13.38 -1.53 -44.81
C2 BEN F . 11.93 -1.45 -44.91
C3 BEN F . 11.17 -0.79 -43.86
C4 BEN F . 11.87 -0.23 -42.72
C5 BEN F . 13.31 -0.31 -42.60
C6 BEN F . 14.06 -0.97 -43.66
C BEN F . 14.19 -2.23 -45.93
N1 BEN F . 15.52 -1.75 -46.27
N2 BEN F . 13.71 -3.28 -46.59
#